data_8E27
#
_entry.id   8E27
#
_cell.length_a   1.00
_cell.length_b   1.00
_cell.length_c   1.00
_cell.angle_alpha   90.00
_cell.angle_beta   90.00
_cell.angle_gamma   90.00
#
_symmetry.space_group_name_H-M   'P 1'
#
_entity_poly.entity_id   1
_entity_poly.type   'polypeptide(L)'
_entity_poly.pdbx_seq_one_letter_code
;MSHPDYRMNLRPLGTPRGVSAVAGPHDIGASPGDKKSKNRSTRGKKKSIFETYMSKEDVSEGLKRGTLIQGVLRINPKKF
HEAFIPSPDGDRDIFIDGVVARNRALNGDLVVVKLLPEEHWKVVKPESNDKETEAAYESDIPEELCGHHLPQQSLKSYND
SPDVIVEAQFDGSDSEDGHGITQNVLVDGVKKLSVCVSEKGREDGDAPVTKDETTCISQDTRALSEKSLQRSAKVVYILE
KKHSRAATGFLKLLADKNSELFRKYALFSPSDHRVPRIYVPLKDCPQDFVARPKDYANTLFICRIVDWKEDCNFALGQLA
KSLGQAGEIEPETEGILTEYGVDFSDFSSEVLECLPQGLPWTIPPEEFSKRRDLRKDCIFTIDPSTARDLNDALSCKPLA
DGNFKVGVHIADVSYFVPEGSDLDKVAAERATSVYLVQKVVPMLPRLLCEELCSLNPMSDKLTFSVIWTLTPEGKILDEW
FGRTIIRSCTKLSYEHAQSMIESPTEKIPAKELPPISPEHSSEEVHQAVLNLHGIAKQLRQQRFVDGALRLDQLKLAFTL
DHETGLPQGCHIYEYRESNKLVEEFMLLANMAVAHKIHRAFPEQALLRRHPPPQTRMLSDLVEFCDQMGLPVDFSSAGAL
NKSLTQTFGDDKYSLARKEVLTNMCSRPMQMALYFCSGLLQDPAQFRHYALNVPLYTHFTSPIRRFADVLVHRLLAAALG
YRERLDMAPDTLQKQADHCNDRRMASKRVQELSTSLFFAVLVKESGPLESEAMVMGILKQAFDVLVLRYGVQKRIYCNAL
ALRSHHFQKVGKKPELTLVWEPEDMEQEPAQQVITIFSLVEVVLQAESTALKYSAILK
;
_entity_poly.pdbx_strand_id   A
#
# COMPACT_ATOMS: atom_id res chain seq x y z
N ILE A 49 32.64 -12.48 17.55
CA ILE A 49 33.31 -11.19 17.66
C ILE A 49 33.33 -10.54 16.27
N PHE A 50 32.80 -9.33 16.19
CA PHE A 50 32.79 -8.58 14.94
C PHE A 50 34.01 -7.67 14.86
N GLU A 51 34.05 -6.79 13.86
CA GLU A 51 35.13 -5.84 13.67
C GLU A 51 34.61 -4.42 13.88
N THR A 52 35.45 -3.57 14.46
CA THR A 52 35.05 -2.20 14.77
C THR A 52 34.88 -1.37 13.49
N TYR A 53 34.11 -0.28 13.65
CA TYR A 53 33.78 0.64 12.57
C TYR A 53 35.00 1.48 12.17
N MET A 54 34.80 2.28 11.12
CA MET A 54 35.78 3.22 10.61
C MET A 54 35.36 4.64 10.98
N SER A 55 36.34 5.49 11.20
CA SER A 55 36.09 6.86 11.59
C SER A 55 35.51 7.67 10.42
N LYS A 56 34.93 8.83 10.78
CA LYS A 56 34.22 9.68 9.83
C LYS A 56 35.09 10.21 8.69
N GLU A 57 36.35 10.60 8.99
CA GLU A 57 37.21 11.18 7.95
C GLU A 57 37.49 10.20 6.82
N ASP A 58 37.74 8.93 7.16
CA ASP A 58 38.00 7.92 6.16
C ASP A 58 36.77 7.71 5.30
N VAL A 59 35.59 7.70 5.93
CA VAL A 59 34.32 7.50 5.22
C VAL A 59 34.08 8.64 4.24
N SER A 60 34.35 9.88 4.67
CA SER A 60 34.17 11.03 3.78
C SER A 60 35.15 10.99 2.61
N GLU A 61 36.42 10.67 2.87
CA GLU A 61 37.41 10.58 1.81
C GLU A 61 37.07 9.47 0.82
N GLY A 62 36.67 8.30 1.34
CA GLY A 62 36.31 7.18 0.49
C GLY A 62 35.08 7.47 -0.36
N LEU A 63 34.04 8.06 0.24
CA LEU A 63 32.83 8.38 -0.50
C LEU A 63 33.09 9.41 -1.59
N LYS A 64 33.85 10.47 -1.27
CA LYS A 64 34.17 11.48 -2.27
C LYS A 64 35.01 10.89 -3.40
N ARG A 65 35.97 10.01 -3.05
CA ARG A 65 36.81 9.39 -4.06
C ARG A 65 36.03 8.40 -4.93
N GLY A 66 35.21 7.56 -4.31
CA GLY A 66 34.41 6.63 -5.06
C GLY A 66 34.76 5.17 -4.79
N THR A 67 35.56 4.90 -3.76
CA THR A 67 35.93 3.54 -3.42
C THR A 67 34.89 2.85 -2.55
N LEU A 68 33.93 3.59 -2.00
CA LEU A 68 32.93 3.05 -1.09
C LEU A 68 31.55 3.24 -1.68
N ILE A 69 30.66 2.31 -1.38
CA ILE A 69 29.30 2.30 -1.92
C ILE A 69 28.32 2.34 -0.76
N GLN A 70 27.36 3.25 -0.82
CA GLN A 70 26.29 3.28 0.16
C GLN A 70 25.05 2.62 -0.41
N GLY A 71 24.26 2.02 0.46
CA GLY A 71 23.05 1.35 0.01
C GLY A 71 22.16 0.98 1.18
N VAL A 72 20.93 0.60 0.84
CA VAL A 72 19.97 0.12 1.85
C VAL A 72 19.93 -1.41 1.74
N LEU A 73 20.45 -2.08 2.74
CA LEU A 73 20.52 -3.53 2.72
C LEU A 73 19.17 -4.20 2.86
N ARG A 74 18.99 -5.28 2.11
CA ARG A 74 17.77 -6.07 2.12
C ARG A 74 18.18 -7.47 2.55
N ILE A 75 17.47 -8.03 3.52
CA ILE A 75 17.78 -9.34 4.06
C ILE A 75 16.67 -10.29 3.67
N ASN A 76 17.05 -11.46 3.16
CA ASN A 76 16.05 -12.47 2.81
C ASN A 76 15.32 -12.94 4.07
N PRO A 77 13.99 -13.03 4.05
CA PRO A 77 13.30 -13.48 5.27
C PRO A 77 13.45 -14.97 5.49
N LYS A 78 13.51 -15.76 4.42
CA LYS A 78 13.57 -17.22 4.54
C LYS A 78 14.98 -17.74 4.83
N LYS A 79 16.01 -17.00 4.48
CA LYS A 79 17.39 -17.35 4.85
C LYS A 79 18.06 -16.10 5.37
N PHE A 80 18.63 -16.17 6.57
CA PHE A 80 19.16 -14.98 7.21
C PHE A 80 20.68 -14.90 7.21
N HIS A 81 21.37 -15.72 6.42
CA HIS A 81 22.83 -15.61 6.35
C HIS A 81 23.30 -14.74 5.18
N GLU A 82 22.38 -14.18 4.40
CA GLU A 82 22.72 -13.46 3.19
C GLU A 82 22.02 -12.11 3.13
N ALA A 83 22.71 -11.12 2.56
CA ALA A 83 22.16 -9.78 2.44
C ALA A 83 22.52 -9.16 1.10
N PHE A 84 21.79 -8.12 0.72
CA PHE A 84 21.92 -7.57 -0.63
C PHE A 84 21.91 -6.06 -0.57
N ILE A 85 22.82 -5.41 -1.27
CA ILE A 85 22.70 -3.96 -1.44
C ILE A 85 22.61 -3.61 -2.92
N PRO A 86 21.88 -2.56 -3.30
CA PRO A 86 21.82 -2.17 -4.71
C PRO A 86 23.11 -1.51 -5.18
N SER A 87 23.48 -1.79 -6.45
CA SER A 87 24.60 -1.13 -7.12
C SER A 87 24.19 0.28 -7.54
N PRO A 88 25.12 1.24 -7.52
CA PRO A 88 24.78 2.58 -8.01
C PRO A 88 24.59 2.67 -9.51
N ASP A 89 25.41 1.97 -10.30
CA ASP A 89 25.31 2.02 -11.75
C ASP A 89 24.05 1.36 -12.28
N GLY A 90 23.57 0.31 -11.61
CA GLY A 90 22.44 -0.46 -12.06
C GLY A 90 22.73 -1.90 -12.43
N ASP A 91 23.90 -2.40 -12.07
CA ASP A 91 24.29 -3.80 -12.27
C ASP A 91 23.63 -4.69 -11.21
N ARG A 92 24.05 -5.96 -11.19
CA ARG A 92 23.55 -6.95 -10.24
C ARG A 92 23.78 -6.52 -8.79
N ASP A 93 22.80 -6.81 -7.93
CA ASP A 93 22.86 -6.47 -6.51
C ASP A 93 24.07 -7.09 -5.84
N ILE A 94 24.77 -6.29 -5.04
CA ILE A 94 26.00 -6.73 -4.40
C ILE A 94 25.64 -7.63 -3.23
N PHE A 95 26.23 -8.82 -3.21
CA PHE A 95 25.98 -9.83 -2.18
C PHE A 95 26.84 -9.57 -0.94
N ILE A 96 26.28 -9.88 0.23
CA ILE A 96 26.98 -9.82 1.52
C ILE A 96 26.82 -11.17 2.19
N ASP A 97 27.92 -11.88 2.37
CA ASP A 97 27.94 -13.23 2.90
C ASP A 97 28.10 -13.16 4.42
N GLY A 98 27.57 -14.17 5.09
CA GLY A 98 27.74 -14.31 6.52
C GLY A 98 26.84 -13.38 7.31
N VAL A 99 26.95 -13.51 8.63
CA VAL A 99 26.22 -12.66 9.56
C VAL A 99 27.25 -11.68 10.10
N VAL A 100 28.51 -12.12 10.14
CA VAL A 100 29.61 -11.31 10.67
C VAL A 100 29.84 -10.09 9.79
N ALA A 101 29.79 -10.27 8.48
CA ALA A 101 30.04 -9.15 7.57
C ALA A 101 28.89 -8.17 7.49
N ARG A 102 27.72 -8.47 8.05
CA ARG A 102 26.72 -7.43 8.14
C ARG A 102 27.03 -6.44 9.24
N ASN A 103 27.71 -6.89 10.30
CA ASN A 103 28.30 -6.05 11.35
C ASN A 103 27.26 -5.18 12.05
N ARG A 104 26.33 -5.86 12.70
CA ARG A 104 25.28 -5.29 13.55
C ARG A 104 24.29 -4.40 12.80
N ALA A 105 24.19 -4.52 11.48
CA ALA A 105 23.20 -3.77 10.76
C ALA A 105 21.94 -4.60 10.57
N LEU A 106 20.78 -4.00 10.74
CA LEU A 106 19.51 -4.69 10.62
C LEU A 106 18.84 -4.29 9.32
N ASN A 107 17.68 -4.88 9.05
CA ASN A 107 17.05 -4.72 7.76
C ASN A 107 16.46 -3.33 7.61
N GLY A 108 16.73 -2.69 6.49
CA GLY A 108 16.28 -1.34 6.21
C GLY A 108 17.29 -0.27 6.51
N ASP A 109 18.38 -0.61 7.21
CA ASP A 109 19.40 0.38 7.53
C ASP A 109 20.20 0.70 6.28
N LEU A 110 20.63 1.96 6.15
CA LEU A 110 21.51 2.33 5.06
C LEU A 110 22.93 2.26 5.56
N VAL A 111 23.81 1.60 4.80
CA VAL A 111 25.17 1.34 5.20
C VAL A 111 26.13 1.86 4.13
N VAL A 112 27.40 1.88 4.50
CA VAL A 112 28.53 2.22 3.66
C VAL A 112 29.49 1.05 3.71
N VAL A 113 29.87 0.57 2.53
CA VAL A 113 30.61 -0.68 2.37
C VAL A 113 31.97 -0.46 1.70
N ARG A 231 30.52 -9.45 -6.48
CA ARG A 231 31.53 -9.43 -5.45
C ARG A 231 30.91 -9.44 -4.07
N SER A 232 31.56 -10.15 -3.14
CA SER A 232 31.06 -10.35 -1.80
C SER A 232 31.77 -9.32 -0.95
N ALA A 233 31.02 -8.61 -0.11
CA ALA A 233 31.56 -7.48 0.61
C ALA A 233 31.14 -7.51 2.07
N LYS A 234 31.75 -6.64 2.86
CA LYS A 234 31.47 -6.52 4.28
C LYS A 234 31.07 -5.10 4.64
N VAL A 235 30.10 -4.96 5.54
CA VAL A 235 29.58 -3.67 5.95
C VAL A 235 30.50 -3.16 7.05
N VAL A 236 31.07 -1.97 6.86
CA VAL A 236 31.96 -1.39 7.85
C VAL A 236 31.42 -0.08 8.42
N TYR A 237 30.40 0.54 7.81
CA TYR A 237 29.89 1.74 8.48
C TYR A 237 28.39 1.89 8.27
N ILE A 238 27.73 2.45 9.28
CA ILE A 238 26.30 2.74 9.24
C ILE A 238 26.10 4.24 9.49
N LEU A 239 25.54 4.93 8.50
CA LEU A 239 25.26 6.34 8.67
C LEU A 239 23.97 6.57 9.46
N GLU A 240 22.84 6.11 8.93
CA GLU A 240 21.53 6.36 9.53
C GLU A 240 20.92 5.04 9.94
N LYS A 241 20.41 4.98 11.17
CA LYS A 241 19.73 3.79 11.68
C LYS A 241 18.22 3.93 11.47
N LYS A 242 17.71 3.32 10.40
CA LYS A 242 16.31 3.44 10.07
C LYS A 242 15.41 2.35 10.65
N HIS A 243 15.94 1.35 11.34
CA HIS A 243 15.06 0.33 11.88
C HIS A 243 14.55 0.76 13.24
N SER A 244 13.36 0.28 13.61
CA SER A 244 12.71 0.70 14.84
C SER A 244 13.35 0.12 16.10
N ARG A 245 14.23 -0.88 15.95
CA ARG A 245 14.98 -1.53 17.03
C ARG A 245 14.09 -2.13 18.12
N ALA A 246 12.90 -2.59 17.75
CA ALA A 246 11.98 -3.22 18.68
C ALA A 246 11.45 -4.51 18.08
N ALA A 247 11.02 -5.43 18.94
CA ALA A 247 10.49 -6.68 18.42
C ALA A 247 9.51 -7.31 19.41
N THR A 248 8.63 -8.16 18.88
CA THR A 248 7.65 -8.90 19.68
C THR A 248 8.12 -10.33 19.74
N GLY A 249 8.35 -10.84 20.94
CA GLY A 249 8.87 -12.17 21.11
C GLY A 249 8.45 -12.84 22.40
N PHE A 250 8.71 -14.14 22.43
CA PHE A 250 8.42 -14.97 23.59
C PHE A 250 9.63 -14.95 24.52
N LEU A 251 9.37 -15.08 25.82
CA LEU A 251 10.41 -15.08 26.83
C LEU A 251 10.71 -16.50 27.30
N LYS A 252 11.98 -16.90 27.22
CA LYS A 252 12.41 -18.19 27.76
C LYS A 252 13.69 -18.06 28.57
N LEU A 253 14.07 -19.18 29.17
CA LEU A 253 15.34 -19.41 29.85
C LEU A 253 16.23 -20.29 28.99
N LEU A 254 17.48 -20.44 29.41
CA LEU A 254 18.42 -21.29 28.69
C LEU A 254 18.50 -22.69 29.28
N TYR A 265 20.26 -13.48 33.75
CA TYR A 265 19.61 -12.94 32.56
C TYR A 265 18.44 -13.80 32.12
N ALA A 266 17.84 -13.44 30.99
CA ALA A 266 16.82 -14.27 30.37
C ALA A 266 16.85 -14.05 28.86
N LEU A 267 16.43 -15.07 28.11
CA LEU A 267 16.52 -15.02 26.66
C LEU A 267 15.19 -14.55 26.09
N PHE A 268 15.27 -13.74 25.04
CA PHE A 268 14.12 -13.21 24.34
C PHE A 268 14.24 -13.64 22.89
N SER A 269 13.22 -14.33 22.38
CA SER A 269 13.24 -14.82 21.01
C SER A 269 12.17 -14.12 20.20
N PRO A 270 12.53 -13.33 19.20
CA PRO A 270 11.53 -12.65 18.37
C PRO A 270 10.87 -13.62 17.42
N SER A 271 9.66 -13.25 16.99
CA SER A 271 8.99 -14.06 15.98
C SER A 271 9.64 -13.89 14.62
N ASP A 272 10.07 -12.68 14.31
CA ASP A 272 10.78 -12.43 13.05
C ASP A 272 12.22 -12.89 13.21
N HIS A 273 12.73 -13.61 12.24
CA HIS A 273 14.06 -14.19 12.37
C HIS A 273 15.19 -13.30 11.87
N ARG A 274 14.90 -12.09 11.39
CA ARG A 274 16.00 -11.23 10.97
C ARG A 274 16.58 -10.46 12.15
N VAL A 275 15.76 -10.12 13.12
CA VAL A 275 16.25 -9.55 14.37
C VAL A 275 16.97 -10.65 15.15
N PRO A 276 18.13 -10.40 15.74
CA PRO A 276 18.81 -11.46 16.50
C PRO A 276 18.15 -11.76 17.83
N ARG A 277 18.76 -12.63 18.63
CA ARG A 277 18.16 -13.05 19.88
C ARG A 277 18.71 -12.18 20.99
N ILE A 278 17.86 -11.79 21.93
CA ILE A 278 18.14 -10.65 22.78
C ILE A 278 18.26 -11.12 24.23
N TYR A 279 19.24 -10.57 24.94
CA TYR A 279 19.37 -10.77 26.37
C TYR A 279 18.58 -9.69 27.11
N VAL A 280 17.81 -10.12 28.12
CA VAL A 280 17.06 -9.21 28.97
C VAL A 280 17.61 -9.38 30.38
N PRO A 281 17.94 -8.29 31.09
CA PRO A 281 18.39 -8.42 32.47
C PRO A 281 17.28 -8.93 33.36
N LEU A 282 17.69 -9.65 34.39
CA LEU A 282 16.73 -10.33 35.24
C LEU A 282 16.17 -9.41 36.33
N LYS A 283 16.68 -8.20 36.44
CA LYS A 283 16.08 -7.20 37.31
C LYS A 283 14.81 -6.60 36.73
N ASP A 284 14.75 -6.46 35.40
CA ASP A 284 13.58 -5.89 34.74
C ASP A 284 12.39 -6.84 34.66
N CYS A 285 12.62 -8.15 34.68
CA CYS A 285 11.54 -9.12 34.55
C CYS A 285 10.60 -9.08 35.77
N PRO A 286 9.31 -9.38 35.55
CA PRO A 286 8.36 -9.42 36.67
C PRO A 286 8.66 -10.49 37.70
N GLN A 287 8.26 -10.19 38.95
CA GLN A 287 8.53 -11.04 40.11
C GLN A 287 7.96 -12.45 39.95
N ASP A 288 6.76 -12.57 39.36
CA ASP A 288 6.15 -13.87 39.18
C ASP A 288 6.95 -14.76 38.24
N PHE A 289 7.64 -14.16 37.25
CA PHE A 289 8.36 -14.90 36.22
C PHE A 289 9.50 -15.73 36.81
N VAL A 290 10.26 -15.18 37.76
CA VAL A 290 11.38 -15.95 38.32
C VAL A 290 10.88 -17.17 39.10
N ALA A 291 9.82 -17.00 39.89
CA ALA A 291 9.27 -18.12 40.64
C ALA A 291 8.48 -19.10 39.75
N ARG A 292 7.66 -18.58 38.83
CA ARG A 292 6.75 -19.42 38.03
C ARG A 292 6.99 -19.14 36.55
N PRO A 293 8.00 -19.78 35.96
CA PRO A 293 8.32 -19.53 34.54
C PRO A 293 7.30 -20.06 33.54
N LYS A 294 6.68 -21.22 33.80
CA LYS A 294 5.83 -21.88 32.80
C LYS A 294 4.63 -21.04 32.41
N ASP A 295 3.99 -20.35 33.37
CA ASP A 295 2.76 -19.61 33.11
C ASP A 295 2.97 -18.40 32.21
N TYR A 296 4.21 -18.00 31.97
CA TYR A 296 4.56 -16.96 31.02
C TYR A 296 5.20 -17.56 29.77
N ALA A 297 4.70 -18.71 29.32
CA ALA A 297 5.28 -19.32 28.14
C ALA A 297 4.51 -19.06 26.87
N ASN A 298 3.32 -18.48 26.94
CA ASN A 298 2.59 -18.15 25.71
C ASN A 298 2.17 -16.67 25.73
N THR A 299 2.97 -15.82 26.34
CA THR A 299 2.67 -14.39 26.45
C THR A 299 3.65 -13.57 25.61
N LEU A 300 3.11 -12.62 24.85
CA LEU A 300 3.91 -11.80 23.95
C LEU A 300 4.54 -10.63 24.69
N PHE A 301 5.83 -10.39 24.49
CA PHE A 301 6.49 -9.26 25.11
C PHE A 301 7.16 -8.43 24.03
N ILE A 302 7.27 -7.12 24.27
CA ILE A 302 7.95 -6.21 23.37
C ILE A 302 9.27 -5.80 24.00
N CYS A 303 10.36 -5.98 23.27
CA CYS A 303 11.68 -5.64 23.77
C CYS A 303 12.40 -4.75 22.78
N ARG A 304 13.15 -3.81 23.31
CA ARG A 304 13.87 -2.83 22.51
C ARG A 304 15.35 -3.04 22.65
N ILE A 305 16.05 -3.12 21.53
CA ILE A 305 17.49 -3.26 21.51
C ILE A 305 18.09 -1.90 21.82
N VAL A 306 19.05 -1.85 22.74
CA VAL A 306 19.69 -0.59 23.07
C VAL A 306 21.18 -0.54 22.75
N ASP A 307 21.87 -1.67 22.65
CA ASP A 307 23.32 -1.69 22.47
C ASP A 307 23.72 -3.11 22.06
N TRP A 308 24.73 -3.21 21.20
CA TRP A 308 25.23 -4.49 20.74
C TRP A 308 26.74 -4.46 20.86
N LYS A 309 27.29 -5.33 21.71
CA LYS A 309 28.71 -5.36 22.01
C LYS A 309 29.53 -5.98 20.88
N GLU A 310 30.85 -5.81 21.00
CA GLU A 310 31.84 -6.38 20.09
C GLU A 310 32.16 -7.83 20.41
N ASP A 311 31.77 -8.33 21.58
CA ASP A 311 32.13 -9.66 22.00
C ASP A 311 30.95 -10.56 22.31
N CYS A 312 29.73 -10.09 22.08
CA CYS A 312 28.53 -10.87 22.30
C CYS A 312 27.83 -11.12 20.97
N ASN A 313 27.39 -12.35 20.76
CA ASN A 313 26.59 -12.68 19.59
C ASN A 313 25.12 -12.26 19.76
N PHE A 314 24.75 -11.80 20.95
CA PHE A 314 23.38 -11.45 21.30
C PHE A 314 23.33 -10.00 21.74
N ALA A 315 22.32 -9.26 21.28
CA ALA A 315 22.13 -7.88 21.71
C ALA A 315 21.59 -7.83 23.14
N LEU A 316 21.67 -6.65 23.75
CA LEU A 316 21.12 -6.41 25.07
C LEU A 316 19.90 -5.51 24.92
N GLY A 317 18.80 -5.88 25.59
CA GLY A 317 17.54 -5.19 25.38
C GLY A 317 16.84 -4.86 26.68
N GLN A 318 15.82 -4.00 26.55
CA GLN A 318 14.94 -3.59 27.63
C GLN A 318 13.55 -4.11 27.38
N LEU A 319 12.94 -4.69 28.41
CA LEU A 319 11.58 -5.21 28.31
C LEU A 319 10.59 -4.08 28.45
N ALA A 320 9.70 -3.91 27.47
CA ALA A 320 8.76 -2.80 27.53
C ALA A 320 7.53 -3.10 28.37
N LYS A 321 6.71 -4.06 27.94
CA LYS A 321 5.45 -4.34 28.62
C LYS A 321 4.96 -5.72 28.24
N SER A 322 3.82 -6.10 28.80
CA SER A 322 3.17 -7.36 28.48
C SER A 322 1.99 -7.07 27.55
N LEU A 323 2.00 -7.71 26.39
CA LEU A 323 0.97 -7.45 25.39
C LEU A 323 -0.30 -8.23 25.67
N GLY A 324 -0.18 -9.52 25.92
CA GLY A 324 -1.32 -10.38 26.14
C GLY A 324 -1.00 -11.80 25.72
N GLN A 325 -2.06 -12.56 25.46
CA GLN A 325 -1.93 -13.95 25.06
C GLN A 325 -1.64 -14.03 23.56
N ALA A 326 -0.67 -14.87 23.20
CA ALA A 326 -0.31 -15.01 21.79
C ALA A 326 -1.39 -15.75 21.02
N GLY A 327 -1.69 -15.26 19.84
CA GLY A 327 -2.70 -15.85 19.00
C GLY A 327 -4.05 -15.17 19.01
N GLU A 328 -4.24 -14.15 19.83
CA GLU A 328 -5.49 -13.42 19.83
C GLU A 328 -5.40 -12.31 18.78
N ILE A 329 -6.36 -11.41 18.75
CA ILE A 329 -6.42 -10.38 17.73
C ILE A 329 -5.78 -9.08 18.19
N GLU A 330 -6.16 -8.58 19.35
CA GLU A 330 -5.67 -7.27 19.79
C GLU A 330 -4.21 -7.27 20.28
N PRO A 331 -3.71 -8.27 21.03
CA PRO A 331 -2.26 -8.31 21.30
C PRO A 331 -1.40 -8.39 20.05
N GLU A 332 -1.80 -9.18 19.06
CA GLU A 332 -0.99 -9.30 17.86
C GLU A 332 -1.06 -8.03 17.00
N THR A 333 -2.23 -7.39 16.94
CA THR A 333 -2.34 -6.13 16.19
C THR A 333 -1.50 -5.03 16.81
N GLU A 334 -1.55 -4.89 18.13
CA GLU A 334 -0.75 -3.87 18.78
C GLU A 334 0.73 -4.23 18.73
N GLY A 335 1.04 -5.51 18.67
CA GLY A 335 2.42 -5.93 18.47
C GLY A 335 3.00 -5.54 17.13
N ILE A 336 2.25 -5.75 16.05
CA ILE A 336 2.83 -5.36 14.75
C ILE A 336 2.77 -3.85 14.51
N LEU A 337 1.85 -3.14 15.17
CA LEU A 337 1.88 -1.68 15.09
C LEU A 337 3.09 -1.11 15.81
N THR A 338 3.43 -1.67 16.98
CA THR A 338 4.61 -1.17 17.66
C THR A 338 5.89 -1.63 16.97
N GLU A 339 5.87 -2.80 16.35
CA GLU A 339 7.08 -3.31 15.71
C GLU A 339 7.42 -2.54 14.44
N TYR A 340 6.43 -1.95 13.77
CA TYR A 340 6.79 -1.20 12.56
C TYR A 340 6.94 0.30 12.79
N GLY A 341 6.62 0.79 13.98
CA GLY A 341 6.86 2.17 14.33
C GLY A 341 5.71 3.11 14.14
N VAL A 342 4.51 2.59 13.88
CA VAL A 342 3.35 3.44 13.67
C VAL A 342 2.88 3.97 15.01
N ASP A 343 2.87 5.29 15.14
CA ASP A 343 2.45 5.93 16.39
C ASP A 343 0.93 5.93 16.45
N PHE A 344 0.37 5.10 17.32
CA PHE A 344 -1.07 4.99 17.49
C PHE A 344 -1.57 5.68 18.76
N SER A 345 -0.70 6.42 19.44
CA SER A 345 -1.05 7.09 20.68
C SER A 345 -1.99 8.25 20.41
N ASP A 346 -2.74 8.63 21.45
CA ASP A 346 -3.70 9.72 21.36
C ASP A 346 -3.01 11.07 21.22
N PHE A 347 -3.77 12.03 20.69
CA PHE A 347 -3.28 13.38 20.46
C PHE A 347 -3.23 14.15 21.77
N SER A 348 -2.16 14.92 21.95
CA SER A 348 -2.03 15.73 23.15
C SER A 348 -2.96 16.94 23.06
N SER A 349 -3.15 17.62 24.18
CA SER A 349 -4.07 18.76 24.21
C SER A 349 -3.53 19.97 23.45
N GLU A 350 -2.22 20.08 23.29
CA GLU A 350 -1.63 21.15 22.50
C GLU A 350 -1.88 20.97 21.01
N VAL A 351 -2.37 19.82 20.58
CA VAL A 351 -2.78 19.62 19.21
C VAL A 351 -4.25 19.98 19.05
N LEU A 352 -5.07 19.57 20.01
CA LEU A 352 -6.47 19.94 19.99
C LEU A 352 -6.71 21.41 20.29
N GLU A 353 -5.71 22.15 20.77
CA GLU A 353 -5.89 23.58 20.92
C GLU A 353 -5.76 24.35 19.60
N CYS A 354 -5.24 23.72 18.56
CA CYS A 354 -5.18 24.35 17.25
C CYS A 354 -6.41 24.11 16.41
N LEU A 355 -7.32 23.26 16.86
CA LEU A 355 -8.57 23.03 16.15
C LEU A 355 -9.51 24.21 16.33
N PRO A 356 -10.46 24.39 15.43
CA PRO A 356 -11.49 25.42 15.63
C PRO A 356 -12.33 25.11 16.86
N GLN A 357 -12.78 26.17 17.51
CA GLN A 357 -13.55 26.06 18.73
C GLN A 357 -15.03 26.34 18.46
N GLY A 358 -15.87 25.86 19.36
CA GLY A 358 -17.30 25.99 19.24
C GLY A 358 -17.84 24.68 18.70
N LEU A 359 -18.84 24.11 19.36
CA LEU A 359 -19.39 22.84 18.88
C LEU A 359 -20.16 22.98 17.56
N PRO A 360 -21.06 23.97 17.35
CA PRO A 360 -21.62 24.06 15.98
C PRO A 360 -20.80 25.02 15.10
N TRP A 361 -19.69 24.51 14.56
CA TRP A 361 -18.85 25.33 13.71
C TRP A 361 -19.54 25.66 12.41
N THR A 362 -19.39 26.91 11.98
CA THR A 362 -20.00 27.40 10.75
C THR A 362 -18.95 28.20 10.00
N ILE A 363 -19.19 28.39 8.72
CA ILE A 363 -18.24 29.06 7.85
C ILE A 363 -18.29 30.57 8.12
N PRO A 364 -17.14 31.22 8.31
CA PRO A 364 -17.15 32.65 8.59
C PRO A 364 -17.65 33.43 7.38
N PRO A 365 -18.32 34.56 7.59
CA PRO A 365 -18.97 35.25 6.46
C PRO A 365 -18.00 35.96 5.52
N GLU A 366 -16.73 35.99 5.85
CA GLU A 366 -15.69 36.59 5.01
C GLU A 366 -15.29 35.68 3.86
N GLU A 367 -15.74 34.42 3.86
CA GLU A 367 -15.39 33.49 2.81
C GLU A 367 -16.45 33.40 1.74
N PHE A 368 -17.42 34.29 1.73
CA PHE A 368 -18.37 34.34 0.63
C PHE A 368 -17.91 35.28 -0.48
N SER A 369 -16.69 35.79 -0.37
CA SER A 369 -16.12 36.71 -1.34
C SER A 369 -14.83 36.20 -1.97
N LYS A 370 -14.04 35.42 -1.24
CA LYS A 370 -12.83 34.85 -1.78
C LYS A 370 -13.06 33.51 -2.46
N ARG A 371 -14.28 32.97 -2.39
CA ARG A 371 -14.60 31.65 -2.90
C ARG A 371 -15.80 31.74 -3.84
N ARG A 372 -15.88 30.80 -4.78
CA ARG A 372 -17.04 30.74 -5.66
C ARG A 372 -18.15 29.90 -5.03
N ASP A 373 -19.38 30.38 -5.15
CA ASP A 373 -20.53 29.75 -4.51
C ASP A 373 -21.12 28.73 -5.48
N LEU A 374 -21.06 27.44 -5.11
CA LEU A 374 -21.62 26.35 -5.90
C LEU A 374 -22.70 25.59 -5.16
N ARG A 375 -23.33 26.21 -4.15
CA ARG A 375 -24.31 25.50 -3.31
C ARG A 375 -25.57 25.07 -4.05
N LYS A 376 -25.87 25.62 -5.22
CA LYS A 376 -27.07 25.21 -5.92
C LYS A 376 -26.86 24.11 -6.95
N ASP A 377 -25.63 23.69 -7.22
CA ASP A 377 -25.40 22.63 -8.20
C ASP A 377 -25.65 21.25 -7.60
N CYS A 378 -25.68 20.25 -8.48
CA CYS A 378 -25.87 18.86 -8.10
C CYS A 378 -24.51 18.17 -7.92
N ILE A 379 -24.17 17.88 -6.68
CA ILE A 379 -22.84 17.42 -6.28
C ILE A 379 -23.04 16.11 -5.52
N PHE A 380 -22.29 15.06 -5.86
CA PHE A 380 -22.46 13.82 -5.10
C PHE A 380 -21.13 13.13 -4.92
N THR A 381 -21.04 12.25 -3.93
CA THR A 381 -19.81 11.52 -3.66
C THR A 381 -20.03 10.03 -3.86
N ILE A 382 -19.03 9.34 -4.39
CA ILE A 382 -19.07 7.89 -4.51
C ILE A 382 -17.83 7.33 -3.81
N ASP A 383 -18.04 6.69 -2.66
CA ASP A 383 -17.03 6.12 -1.78
C ASP A 383 -17.63 4.84 -1.22
N PRO A 384 -16.81 3.93 -0.68
CA PRO A 384 -17.37 2.69 -0.10
C PRO A 384 -18.30 2.94 1.07
N SER A 385 -19.23 2.00 1.27
CA SER A 385 -20.26 2.13 2.30
C SER A 385 -19.66 2.27 3.69
N THR A 386 -18.60 1.52 4.00
CA THR A 386 -17.93 1.62 5.28
C THR A 386 -16.80 2.66 5.22
N ALA A 387 -17.17 3.91 5.02
CA ALA A 387 -16.19 5.00 4.93
C ALA A 387 -16.56 6.11 5.88
N ARG A 388 -15.69 6.35 6.85
CA ARG A 388 -15.90 7.40 7.83
C ARG A 388 -15.67 8.78 7.24
N ASP A 389 -14.61 8.94 6.42
CA ASP A 389 -14.16 10.23 5.91
C ASP A 389 -14.21 10.28 4.39
N LEU A 390 -14.71 11.38 3.86
CA LEU A 390 -14.89 11.56 2.42
C LEU A 390 -13.94 12.65 1.93
N ASN A 391 -13.13 12.34 0.92
CA ASN A 391 -12.19 13.33 0.40
C ASN A 391 -12.56 13.95 -0.92
N ASP A 392 -13.63 13.53 -1.59
CA ASP A 392 -13.86 14.08 -2.91
C ASP A 392 -15.32 14.01 -3.29
N ALA A 393 -15.69 14.84 -4.24
CA ALA A 393 -17.04 14.86 -4.76
C ALA A 393 -16.97 15.13 -6.25
N LEU A 394 -18.02 14.76 -6.95
CA LEU A 394 -18.04 14.78 -8.39
C LEU A 394 -19.31 15.50 -8.85
N SER A 395 -19.23 16.10 -10.03
CA SER A 395 -20.44 16.67 -10.61
C SER A 395 -20.33 16.65 -12.12
N CYS A 396 -21.48 16.50 -12.78
CA CYS A 396 -21.58 16.57 -14.22
C CYS A 396 -22.79 17.38 -14.62
N LYS A 397 -22.62 18.23 -15.63
CA LYS A 397 -23.72 19.06 -16.11
C LYS A 397 -23.72 19.07 -17.64
N PRO A 398 -24.84 18.76 -18.29
CA PRO A 398 -24.87 18.78 -19.75
C PRO A 398 -25.08 20.19 -20.31
N LEU A 399 -24.23 20.57 -21.25
CA LEU A 399 -24.35 21.86 -21.91
C LEU A 399 -25.32 21.79 -23.08
N ALA A 400 -25.45 22.89 -23.81
CA ALA A 400 -26.41 23.01 -24.90
C ALA A 400 -25.87 22.60 -26.26
N ASP A 401 -24.60 22.24 -26.38
CA ASP A 401 -24.05 21.82 -27.67
C ASP A 401 -23.54 20.39 -27.63
N GLY A 402 -23.98 19.60 -26.66
CA GLY A 402 -23.53 18.24 -26.53
C GLY A 402 -22.25 18.06 -25.75
N ASN A 403 -21.84 19.06 -24.98
CA ASN A 403 -20.63 18.95 -24.18
C ASN A 403 -21.01 18.86 -22.71
N PHE A 404 -20.01 18.66 -21.86
CA PHE A 404 -20.28 18.45 -20.45
C PHE A 404 -19.36 19.31 -19.61
N LYS A 405 -19.87 19.82 -18.50
CA LYS A 405 -19.09 20.53 -17.51
C LYS A 405 -18.88 19.57 -16.36
N VAL A 406 -17.64 19.12 -16.17
CA VAL A 406 -17.35 18.08 -15.21
C VAL A 406 -16.42 18.63 -14.16
N GLY A 407 -16.80 18.50 -12.90
CA GLY A 407 -16.04 19.07 -11.81
C GLY A 407 -15.66 18.05 -10.76
N VAL A 408 -14.44 18.17 -10.26
CA VAL A 408 -13.92 17.34 -9.19
C VAL A 408 -13.58 18.26 -8.03
N HIS A 409 -14.16 18.02 -6.86
CA HIS A 409 -14.06 18.93 -5.74
C HIS A 409 -13.42 18.22 -4.57
N ILE A 410 -12.36 18.80 -4.01
CA ILE A 410 -11.57 18.15 -2.96
C ILE A 410 -11.69 18.97 -1.70
N ALA A 411 -11.87 18.32 -0.56
CA ALA A 411 -11.95 19.06 0.69
C ALA A 411 -10.58 19.62 1.03
N ASP A 412 -10.48 20.92 1.28
CA ASP A 412 -9.19 21.53 1.53
C ASP A 412 -8.83 21.47 3.00
N VAL A 413 -7.79 20.70 3.30
CA VAL A 413 -7.29 20.56 4.66
C VAL A 413 -6.21 21.58 4.93
N SER A 414 -5.86 22.38 3.94
CA SER A 414 -4.82 23.37 4.17
C SER A 414 -5.37 24.64 4.79
N TYR A 415 -6.69 24.79 4.82
CA TYR A 415 -7.29 25.91 5.54
C TYR A 415 -7.29 25.64 7.04
N PHE A 416 -7.55 24.40 7.45
CA PHE A 416 -7.61 24.02 8.86
C PHE A 416 -6.26 23.63 9.44
N VAL A 417 -5.22 23.48 8.63
CA VAL A 417 -3.89 23.13 9.11
C VAL A 417 -2.95 24.29 8.79
N PRO A 418 -2.74 25.20 9.73
CA PRO A 418 -1.81 26.29 9.48
C PRO A 418 -0.36 25.81 9.55
N GLU A 419 0.51 26.58 8.94
CA GLU A 419 1.92 26.24 8.90
C GLU A 419 2.59 26.57 10.22
N GLY A 420 3.44 25.66 10.70
CA GLY A 420 4.22 25.89 11.89
C GLY A 420 3.56 25.49 13.18
N SER A 421 2.24 25.31 13.19
CA SER A 421 1.52 24.92 14.39
C SER A 421 1.82 23.48 14.74
N ASP A 422 1.47 23.10 15.98
CA ASP A 422 1.75 21.75 16.45
C ASP A 422 0.93 20.70 15.72
N LEU A 423 -0.21 21.10 15.16
CA LEU A 423 -0.98 20.21 14.29
C LEU A 423 -0.19 19.85 13.05
N ASP A 424 0.50 20.82 12.48
CA ASP A 424 1.31 20.56 11.31
C ASP A 424 2.51 19.66 11.64
N LYS A 425 3.09 19.82 12.82
CA LYS A 425 4.22 18.96 13.21
C LYS A 425 3.76 17.53 13.42
N VAL A 426 2.59 17.32 14.02
CA VAL A 426 2.09 15.95 14.19
C VAL A 426 1.74 15.33 12.85
N ALA A 427 1.07 16.08 11.97
CA ALA A 427 0.73 15.57 10.64
C ALA A 427 1.97 15.32 9.81
N ALA A 428 3.05 16.07 10.00
CA ALA A 428 4.27 15.71 9.30
C ALA A 428 4.95 14.51 9.95
N GLU A 429 4.75 14.31 11.26
CA GLU A 429 5.35 13.19 11.96
C GLU A 429 4.79 11.87 11.43
N ARG A 430 3.48 11.79 11.24
CA ARG A 430 2.88 10.59 10.67
C ARG A 430 2.48 11.00 9.28
N ALA A 431 3.23 10.52 8.28
CA ALA A 431 2.94 10.93 6.90
C ALA A 431 1.59 10.47 6.41
N THR A 432 1.21 9.24 6.74
CA THR A 432 -0.02 8.67 6.22
C THR A 432 -0.84 8.07 7.34
N SER A 433 -2.10 7.80 7.05
CA SER A 433 -2.93 7.07 7.98
C SER A 433 -2.90 5.61 7.59
N VAL A 434 -3.01 4.73 8.57
CA VAL A 434 -2.82 3.30 8.35
C VAL A 434 -4.16 2.60 8.47
N TYR A 435 -4.50 1.81 7.46
CA TYR A 435 -5.76 1.08 7.45
C TYR A 435 -5.51 -0.38 7.77
N LEU A 436 -6.25 -0.91 8.73
CA LEU A 436 -6.14 -2.27 9.19
C LEU A 436 -7.42 -2.99 8.84
N VAL A 437 -7.53 -4.25 9.25
CA VAL A 437 -8.73 -5.00 8.97
C VAL A 437 -9.88 -4.52 9.83
N GLN A 438 -9.62 -4.20 11.10
CA GLN A 438 -10.69 -3.88 12.04
C GLN A 438 -10.79 -2.41 12.40
N LYS A 439 -9.76 -1.60 12.18
CA LYS A 439 -9.81 -0.19 12.57
C LYS A 439 -8.88 0.60 11.67
N VAL A 440 -8.76 1.90 11.96
CA VAL A 440 -7.99 2.85 11.18
C VAL A 440 -7.19 3.69 12.17
N VAL A 441 -5.90 3.88 11.93
CA VAL A 441 -5.08 4.78 12.72
C VAL A 441 -4.94 6.08 11.93
N PRO A 442 -5.53 7.18 12.38
CA PRO A 442 -5.65 8.37 11.54
C PRO A 442 -4.37 9.19 11.51
N MET A 443 -4.42 10.25 10.71
CA MET A 443 -3.35 11.24 10.62
C MET A 443 -3.70 12.53 11.35
N LEU A 444 -4.96 12.91 11.34
CA LEU A 444 -5.46 14.15 11.92
C LEU A 444 -6.34 13.83 13.13
N PRO A 445 -6.70 14.83 13.93
CA PRO A 445 -7.73 14.61 14.95
C PRO A 445 -9.07 14.23 14.35
N ARG A 446 -9.89 13.59 15.19
CA ARG A 446 -11.14 12.99 14.72
C ARG A 446 -12.15 14.04 14.32
N LEU A 447 -12.05 15.25 14.89
CA LEU A 447 -12.94 16.34 14.48
C LEU A 447 -12.73 16.70 13.02
N LEU A 448 -11.47 16.94 12.62
CA LEU A 448 -11.19 17.28 11.23
C LEU A 448 -11.49 16.11 10.29
N CYS A 449 -11.22 14.89 10.72
CA CYS A 449 -11.39 13.76 9.82
C CYS A 449 -12.85 13.41 9.62
N GLU A 450 -13.70 13.69 10.59
CA GLU A 450 -15.09 13.29 10.46
C GLU A 450 -16.07 14.44 10.25
N GLU A 451 -16.02 15.51 11.03
CA GLU A 451 -17.09 16.49 10.91
C GLU A 451 -16.72 17.76 10.14
N LEU A 452 -15.58 18.39 10.47
CA LEU A 452 -15.23 19.66 9.84
C LEU A 452 -14.86 19.55 8.36
N CYS A 453 -14.13 18.51 7.96
CA CYS A 453 -13.60 18.50 6.60
C CYS A 453 -14.21 17.47 5.68
N SER A 454 -14.57 16.29 6.17
CA SER A 454 -15.14 15.27 5.30
C SER A 454 -16.46 15.74 4.72
N LEU A 455 -16.70 15.41 3.45
CA LEU A 455 -17.85 15.93 2.72
C LEU A 455 -19.11 15.10 2.99
N ASN A 456 -19.59 15.19 4.23
CA ASN A 456 -20.84 14.55 4.59
C ASN A 456 -22.00 15.28 3.94
N PRO A 457 -23.08 14.59 3.61
CA PRO A 457 -24.20 15.24 2.94
C PRO A 457 -24.95 16.23 3.81
N MET A 458 -25.59 17.18 3.11
CA MET A 458 -26.43 18.24 3.68
C MET A 458 -25.69 19.11 4.71
N SER A 459 -24.58 19.68 4.26
CA SER A 459 -23.81 20.62 5.07
C SER A 459 -22.94 21.45 4.14
N ASP A 460 -22.76 22.74 4.45
CA ASP A 460 -21.97 23.61 3.60
C ASP A 460 -20.50 23.36 3.88
N LYS A 461 -19.72 23.12 2.83
CA LYS A 461 -18.33 22.73 3.00
C LYS A 461 -17.43 23.52 2.07
N LEU A 462 -16.18 23.67 2.46
CA LEU A 462 -15.17 24.39 1.70
C LEU A 462 -14.34 23.41 0.89
N THR A 463 -14.22 23.65 -0.41
CA THR A 463 -13.50 22.77 -1.31
C THR A 463 -12.57 23.52 -2.24
N PHE A 464 -11.62 22.78 -2.80
CA PHE A 464 -10.59 23.25 -3.71
C PHE A 464 -10.94 22.44 -4.96
N SER A 465 -11.71 23.04 -5.85
CA SER A 465 -12.19 22.36 -7.03
C SER A 465 -11.41 22.61 -8.30
N VAL A 466 -11.55 21.66 -9.22
CA VAL A 466 -11.01 21.69 -10.56
C VAL A 466 -12.22 21.49 -11.46
N ILE A 467 -12.36 22.30 -12.50
CA ILE A 467 -13.53 22.22 -13.37
C ILE A 467 -13.09 22.20 -14.83
N TRP A 468 -13.55 21.19 -15.58
CA TRP A 468 -13.25 21.09 -16.99
C TRP A 468 -14.52 21.19 -17.81
N THR A 469 -14.35 21.51 -19.08
CA THR A 469 -15.37 21.33 -20.11
C THR A 469 -14.89 20.26 -21.06
N LEU A 470 -15.61 19.15 -21.12
CA LEU A 470 -15.17 17.98 -21.88
C LEU A 470 -16.16 17.65 -22.98
N THR A 471 -15.60 17.16 -24.08
CA THR A 471 -16.36 16.54 -25.15
C THR A 471 -16.82 15.16 -24.69
N PRO A 472 -17.81 14.57 -25.37
CA PRO A 472 -18.18 13.18 -25.04
C PRO A 472 -17.07 12.16 -25.24
N GLU A 473 -16.06 12.47 -26.04
CA GLU A 473 -14.89 11.62 -26.20
C GLU A 473 -13.85 11.83 -25.10
N GLY A 474 -14.05 12.79 -24.22
CA GLY A 474 -13.14 13.00 -23.12
C GLY A 474 -11.93 13.85 -23.50
N LYS A 475 -12.17 14.99 -24.14
CA LYS A 475 -11.12 15.91 -24.53
C LYS A 475 -11.29 17.23 -23.78
N ILE A 476 -10.20 17.76 -23.24
CA ILE A 476 -10.27 18.95 -22.42
C ILE A 476 -10.33 20.17 -23.31
N LEU A 477 -11.34 21.03 -23.09
CA LEU A 477 -11.42 22.29 -23.81
C LEU A 477 -11.22 23.51 -22.95
N ASP A 478 -11.40 23.40 -21.64
CA ASP A 478 -11.24 24.46 -20.65
C ASP A 478 -10.73 23.84 -19.37
N GLU A 479 -10.17 24.69 -18.52
CA GLU A 479 -9.63 24.25 -17.25
C GLU A 479 -9.77 25.41 -16.29
N TRP A 480 -10.27 25.17 -15.09
CA TRP A 480 -10.33 26.25 -14.13
C TRP A 480 -10.09 25.69 -12.75
N PHE A 481 -9.11 26.21 -12.04
CA PHE A 481 -8.84 25.85 -10.66
C PHE A 481 -9.44 26.91 -9.75
N GLY A 482 -9.74 26.53 -8.53
CA GLY A 482 -10.13 27.58 -7.59
C GLY A 482 -10.82 27.05 -6.36
N ARG A 483 -10.93 27.93 -5.38
CA ARG A 483 -11.59 27.61 -4.13
C ARG A 483 -13.08 27.90 -4.20
N THR A 484 -13.89 26.93 -3.78
CA THR A 484 -15.34 26.99 -3.93
C THR A 484 -16.01 26.52 -2.65
N ILE A 485 -17.33 26.66 -2.62
CA ILE A 485 -18.18 26.21 -1.52
C ILE A 485 -19.25 25.30 -2.08
N ILE A 486 -19.33 24.07 -1.57
CA ILE A 486 -20.27 23.09 -2.09
C ILE A 486 -21.23 22.67 -0.98
N ARG A 487 -22.29 21.99 -1.40
CA ARG A 487 -23.23 21.34 -0.48
C ARG A 487 -23.70 20.06 -1.14
N SER A 488 -23.20 18.92 -0.64
CA SER A 488 -23.51 17.64 -1.27
C SER A 488 -24.96 17.26 -1.05
N CYS A 489 -25.54 16.55 -2.02
CA CYS A 489 -26.95 16.22 -1.92
C CYS A 489 -27.22 14.78 -1.55
N THR A 490 -26.30 13.87 -1.82
CA THR A 490 -26.50 12.46 -1.49
C THR A 490 -25.14 11.82 -1.28
N LYS A 491 -25.16 10.62 -0.72
CA LYS A 491 -23.93 9.86 -0.50
C LYS A 491 -24.15 8.47 -1.07
N LEU A 492 -23.68 8.24 -2.29
CA LEU A 492 -23.84 6.93 -2.88
C LEU A 492 -22.74 6.00 -2.36
N SER A 493 -22.82 4.73 -2.74
CA SER A 493 -21.75 3.80 -2.42
C SER A 493 -21.31 3.13 -3.70
N TYR A 494 -20.45 2.14 -3.61
CA TYR A 494 -20.10 1.39 -4.81
C TYR A 494 -21.16 0.37 -5.18
N GLU A 495 -22.19 0.20 -4.35
CA GLU A 495 -23.24 -0.76 -4.62
C GLU A 495 -24.44 -0.16 -5.31
N HIS A 496 -24.85 1.06 -4.92
CA HIS A 496 -25.96 1.70 -5.60
C HIS A 496 -25.58 2.18 -6.99
N ALA A 497 -24.34 2.62 -7.15
CA ALA A 497 -23.89 3.16 -8.43
C ALA A 497 -23.93 2.12 -9.53
N GLN A 498 -23.55 0.88 -9.20
CA GLN A 498 -23.69 -0.20 -10.19
C GLN A 498 -25.14 -0.50 -10.51
N SER A 499 -26.05 -0.33 -9.54
CA SER A 499 -27.47 -0.53 -9.83
C SER A 499 -27.99 0.50 -10.82
N MET A 500 -27.65 1.77 -10.63
CA MET A 500 -28.12 2.77 -11.58
C MET A 500 -27.35 2.75 -12.89
N ILE A 501 -26.14 2.20 -12.92
CA ILE A 501 -25.48 1.98 -14.20
C ILE A 501 -26.15 0.84 -14.96
N GLU A 502 -26.44 -0.26 -14.27
CA GLU A 502 -26.99 -1.44 -14.92
C GLU A 502 -28.48 -1.35 -15.17
N SER A 503 -29.13 -0.26 -14.75
CA SER A 503 -30.51 0.03 -15.14
C SER A 503 -30.55 1.32 -15.95
N PRO A 504 -30.17 1.29 -17.23
CA PRO A 504 -30.14 2.54 -18.02
C PRO A 504 -31.49 3.15 -18.31
N THR A 505 -32.48 2.37 -18.70
CA THR A 505 -33.77 2.90 -19.11
C THR A 505 -34.89 2.63 -18.11
N GLU A 506 -34.58 2.12 -16.92
CA GLU A 506 -35.60 1.75 -15.96
C GLU A 506 -35.42 2.55 -14.68
N LYS A 507 -36.53 3.10 -14.17
CA LYS A 507 -36.54 3.90 -12.95
C LYS A 507 -36.26 3.01 -11.75
N ILE A 508 -35.14 3.24 -11.08
CA ILE A 508 -34.85 2.51 -9.84
C ILE A 508 -35.79 3.01 -8.74
N PRO A 509 -36.43 2.11 -7.97
CA PRO A 509 -37.30 2.57 -6.89
C PRO A 509 -36.52 3.26 -5.78
N ALA A 510 -37.21 4.16 -5.08
CA ALA A 510 -36.57 4.97 -4.04
C ALA A 510 -36.38 4.22 -2.73
N LYS A 511 -36.87 3.00 -2.62
CA LYS A 511 -36.74 2.27 -1.36
C LYS A 511 -35.32 1.78 -1.14
N GLU A 512 -34.58 1.49 -2.21
CA GLU A 512 -33.23 0.96 -2.13
C GLU A 512 -32.17 2.01 -2.44
N LEU A 513 -32.48 3.28 -2.20
CA LEU A 513 -31.59 4.38 -2.47
C LEU A 513 -31.30 5.13 -1.17
N PRO A 514 -30.12 5.72 -1.04
CA PRO A 514 -29.83 6.52 0.16
C PRO A 514 -30.65 7.79 0.14
N PRO A 515 -30.86 8.43 1.29
CA PRO A 515 -31.68 9.65 1.33
C PRO A 515 -31.05 10.79 0.54
N ILE A 516 -31.92 11.64 0.00
CA ILE A 516 -31.54 12.68 -0.94
C ILE A 516 -32.10 14.00 -0.43
N SER A 517 -31.41 15.09 -0.71
CA SER A 517 -31.89 16.40 -0.34
C SER A 517 -33.15 16.73 -1.11
N PRO A 518 -34.11 17.44 -0.50
CA PRO A 518 -35.40 17.67 -1.17
C PRO A 518 -35.35 18.66 -2.32
N GLU A 519 -34.25 19.41 -2.49
CA GLU A 519 -34.16 20.33 -3.62
C GLU A 519 -33.92 19.58 -4.92
N HIS A 520 -33.33 18.40 -4.86
CA HIS A 520 -32.93 17.66 -6.04
C HIS A 520 -33.73 16.37 -6.11
N SER A 521 -33.70 15.74 -7.27
CA SER A 521 -34.45 14.52 -7.50
C SER A 521 -33.49 13.38 -7.78
N SER A 522 -34.03 12.16 -7.74
CA SER A 522 -33.20 10.99 -8.03
C SER A 522 -32.95 10.83 -9.51
N GLU A 523 -33.79 11.43 -10.35
CA GLU A 523 -33.56 11.39 -11.78
C GLU A 523 -32.30 12.15 -12.18
N GLU A 524 -32.05 13.30 -11.57
CA GLU A 524 -30.85 14.08 -11.89
C GLU A 524 -29.59 13.31 -11.53
N VAL A 525 -29.57 12.71 -10.35
CA VAL A 525 -28.42 11.91 -9.91
C VAL A 525 -28.27 10.68 -10.80
N HIS A 526 -29.40 10.05 -11.15
CA HIS A 526 -29.38 8.86 -12.00
C HIS A 526 -28.83 9.18 -13.39
N GLN A 527 -29.25 10.30 -13.96
CA GLN A 527 -28.75 10.72 -15.26
C GLN A 527 -27.26 11.05 -15.19
N ALA A 528 -26.85 11.70 -14.10
CA ALA A 528 -25.46 12.12 -13.94
C ALA A 528 -24.51 10.92 -13.89
N VAL A 529 -24.88 9.85 -13.19
CA VAL A 529 -23.98 8.69 -13.14
C VAL A 529 -23.81 8.08 -14.52
N LEU A 530 -24.89 8.05 -15.31
CA LEU A 530 -24.81 7.51 -16.67
C LEU A 530 -23.89 8.34 -17.56
N ASN A 531 -24.00 9.67 -17.48
CA ASN A 531 -23.11 10.50 -18.31
C ASN A 531 -21.66 10.39 -17.88
N LEU A 532 -21.38 10.32 -16.57
CA LEU A 532 -20.01 10.18 -16.14
C LEU A 532 -19.44 8.82 -16.53
N HIS A 533 -20.28 7.78 -16.52
CA HIS A 533 -19.84 6.48 -16.99
C HIS A 533 -19.55 6.50 -18.49
N GLY A 534 -20.36 7.21 -19.25
CA GLY A 534 -20.15 7.32 -20.69
C GLY A 534 -18.84 8.00 -21.04
N ILE A 535 -18.47 9.03 -20.28
CA ILE A 535 -17.15 9.64 -20.48
C ILE A 535 -16.02 8.72 -20.01
N ALA A 536 -16.23 8.03 -18.88
CA ALA A 536 -15.16 7.23 -18.30
C ALA A 536 -14.79 6.01 -19.14
N LYS A 537 -15.75 5.45 -19.89
CA LYS A 537 -15.43 4.32 -20.78
C LYS A 537 -14.44 4.72 -21.87
N GLN A 538 -14.72 5.82 -22.56
CA GLN A 538 -13.84 6.27 -23.62
C GLN A 538 -12.50 6.76 -23.10
N LEU A 539 -12.47 7.38 -21.92
CA LEU A 539 -11.17 7.74 -21.34
C LEU A 539 -10.35 6.49 -21.02
N ARG A 540 -10.98 5.43 -20.52
CA ARG A 540 -10.26 4.19 -20.28
C ARG A 540 -9.69 3.59 -21.56
N GLN A 541 -10.50 3.54 -22.63
CA GLN A 541 -10.03 2.99 -23.88
C GLN A 541 -8.88 3.78 -24.48
N GLN A 542 -8.97 5.12 -24.43
CA GLN A 542 -7.89 5.93 -24.97
C GLN A 542 -6.62 5.81 -24.14
N ARG A 543 -6.76 5.70 -22.82
CA ARG A 543 -5.57 5.55 -21.97
C ARG A 543 -4.89 4.22 -22.23
N PHE A 544 -5.66 3.17 -22.48
CA PHE A 544 -5.02 1.88 -22.74
C PHE A 544 -4.53 1.73 -24.18
N VAL A 545 -5.06 2.49 -25.14
CA VAL A 545 -4.42 2.56 -26.44
C VAL A 545 -3.08 3.29 -26.34
N ASP A 546 -2.99 4.31 -25.47
CA ASP A 546 -1.75 5.05 -25.32
C ASP A 546 -0.62 4.28 -24.63
N GLY A 547 -0.88 3.09 -24.09
CA GLY A 547 0.16 2.29 -23.48
C GLY A 547 0.13 2.13 -21.97
N ALA A 548 -0.94 2.52 -21.30
CA ALA A 548 -1.03 2.35 -19.85
C ALA A 548 -1.08 0.88 -19.46
N LEU A 549 -0.37 0.53 -18.38
CA LEU A 549 -0.26 -0.84 -17.90
C LEU A 549 -1.03 -1.02 -16.60
N ARG A 550 -1.67 -2.19 -16.42
CA ARG A 550 -2.41 -2.48 -15.19
C ARG A 550 -2.20 -3.93 -14.78
N LEU A 551 -1.43 -4.12 -13.72
CA LEU A 551 -1.19 -5.43 -13.13
C LEU A 551 -1.99 -5.50 -11.83
N ASP A 552 -3.14 -6.16 -11.84
CA ASP A 552 -3.98 -6.24 -10.65
C ASP A 552 -3.97 -7.65 -10.06
N GLN A 553 -3.61 -7.74 -8.78
CA GLN A 553 -3.55 -8.99 -8.03
C GLN A 553 -4.88 -9.20 -7.31
N LEU A 554 -4.90 -10.07 -6.31
CA LEU A 554 -6.11 -10.40 -5.57
C LEU A 554 -6.08 -9.73 -4.20
N LYS A 555 -7.17 -9.03 -3.88
CA LYS A 555 -7.36 -8.37 -2.59
C LYS A 555 -8.66 -8.89 -1.99
N LEU A 556 -8.55 -9.63 -0.89
CA LEU A 556 -9.72 -10.19 -0.24
C LEU A 556 -10.21 -9.31 0.90
N ALA A 557 -11.51 -9.40 1.19
CA ALA A 557 -12.15 -8.60 2.22
C ALA A 557 -12.99 -9.50 3.12
N PHE A 558 -12.99 -9.19 4.41
CA PHE A 558 -13.62 -10.03 5.41
C PHE A 558 -14.97 -9.47 5.85
N THR A 559 -15.80 -10.37 6.36
CA THR A 559 -17.02 -10.04 7.07
C THR A 559 -16.85 -10.56 8.48
N LEU A 560 -17.01 -9.66 9.45
CA LEU A 560 -16.64 -9.86 10.84
C LEU A 560 -17.88 -10.01 11.70
N ASP A 561 -17.64 -10.39 12.95
CA ASP A 561 -18.70 -10.44 13.95
C ASP A 561 -18.71 -9.13 14.72
N HIS A 562 -19.90 -8.54 14.84
CA HIS A 562 -20.04 -7.22 15.46
C HIS A 562 -19.71 -7.25 16.95
N GLU A 563 -20.11 -8.30 17.66
CA GLU A 563 -19.92 -8.31 19.10
C GLU A 563 -18.63 -8.99 19.55
N THR A 564 -18.36 -10.21 19.11
CA THR A 564 -17.14 -10.90 19.51
C THR A 564 -15.91 -10.28 18.87
N GLY A 565 -16.01 -9.87 17.61
CA GLY A 565 -14.90 -9.28 16.92
C GLY A 565 -14.02 -10.24 16.14
N LEU A 566 -14.41 -11.47 16.01
CA LEU A 566 -13.74 -12.52 15.27
C LEU A 566 -14.24 -12.54 13.83
N PRO A 567 -13.39 -12.95 12.87
CA PRO A 567 -13.86 -13.00 11.49
C PRO A 567 -14.82 -14.15 11.26
N GLN A 568 -15.83 -13.89 10.45
CA GLN A 568 -16.81 -14.89 10.07
C GLN A 568 -16.55 -15.47 8.69
N GLY A 569 -16.26 -14.62 7.69
CA GLY A 569 -15.96 -15.19 6.39
C GLY A 569 -15.32 -14.24 5.41
N CYS A 570 -14.51 -14.75 4.49
CA CYS A 570 -13.82 -13.91 3.53
C CYS A 570 -14.37 -14.10 2.13
N HIS A 571 -14.26 -13.04 1.33
CA HIS A 571 -14.59 -13.11 -0.09
C HIS A 571 -13.68 -12.13 -0.82
N ILE A 572 -13.24 -12.49 -2.03
CA ILE A 572 -12.39 -11.58 -2.79
C ILE A 572 -13.22 -10.38 -3.23
N TYR A 573 -12.62 -9.18 -3.12
CA TYR A 573 -13.26 -7.95 -3.53
C TYR A 573 -13.44 -7.97 -5.04
N GLU A 574 -14.54 -7.39 -5.52
CA GLU A 574 -14.84 -7.42 -6.94
C GLU A 574 -14.72 -6.02 -7.53
N TYR A 575 -13.83 -5.87 -8.51
CA TYR A 575 -13.55 -4.57 -9.12
C TYR A 575 -14.58 -4.29 -10.21
N ARG A 576 -15.73 -3.83 -9.79
CA ARG A 576 -16.83 -3.49 -10.66
C ARG A 576 -16.57 -2.18 -11.40
N GLU A 577 -17.45 -1.87 -12.36
CA GLU A 577 -17.31 -0.70 -13.24
C GLU A 577 -17.27 0.62 -12.46
N SER A 578 -18.06 0.72 -11.39
CA SER A 578 -18.07 1.92 -10.56
C SER A 578 -16.73 2.19 -9.90
N ASN A 579 -15.88 1.20 -9.73
CA ASN A 579 -14.54 1.46 -9.25
C ASN A 579 -13.65 2.09 -10.31
N LYS A 580 -14.03 1.99 -11.57
CA LYS A 580 -13.28 2.64 -12.64
C LYS A 580 -13.77 4.04 -12.95
N LEU A 581 -15.07 4.27 -12.74
CA LEU A 581 -15.64 5.60 -12.98
C LEU A 581 -15.00 6.67 -12.10
N VAL A 582 -14.74 6.37 -10.82
CA VAL A 582 -14.08 7.32 -9.95
C VAL A 582 -12.60 7.46 -10.31
N GLU A 583 -11.94 6.35 -10.63
CA GLU A 583 -10.50 6.34 -10.82
C GLU A 583 -10.08 7.18 -12.02
N GLU A 584 -10.87 7.18 -13.09
CA GLU A 584 -10.51 7.98 -14.25
C GLU A 584 -10.50 9.48 -13.95
N PHE A 585 -11.49 9.97 -13.21
CA PHE A 585 -11.50 11.39 -12.91
C PHE A 585 -10.46 11.78 -11.87
N MET A 586 -10.09 10.86 -10.96
CA MET A 586 -8.98 11.17 -10.07
C MET A 586 -7.67 11.28 -10.84
N LEU A 587 -7.47 10.45 -11.87
CA LEU A 587 -6.28 10.61 -12.71
C LEU A 587 -6.29 11.92 -13.48
N LEU A 588 -7.45 12.36 -13.98
CA LEU A 588 -7.51 13.64 -14.68
C LEU A 588 -7.15 14.81 -13.77
N ALA A 589 -7.68 14.81 -12.54
CA ALA A 589 -7.36 15.89 -11.61
C ALA A 589 -5.88 15.90 -11.23
N ASN A 590 -5.29 14.73 -11.00
CA ASN A 590 -3.87 14.68 -10.66
C ASN A 590 -2.97 15.17 -11.79
N MET A 591 -3.30 14.82 -13.03
CA MET A 591 -2.46 15.26 -14.15
C MET A 591 -2.56 16.77 -14.38
N ALA A 592 -3.75 17.34 -14.20
CA ALA A 592 -3.90 18.79 -14.37
C ALA A 592 -3.14 19.56 -13.29
N VAL A 593 -3.23 19.12 -12.04
CA VAL A 593 -2.52 19.81 -10.97
C VAL A 593 -1.02 19.67 -11.11
N ALA A 594 -0.54 18.52 -11.60
CA ALA A 594 0.90 18.35 -11.85
C ALA A 594 1.41 19.32 -12.88
N HIS A 595 0.67 19.52 -13.98
CA HIS A 595 1.09 20.49 -14.98
C HIS A 595 1.11 21.90 -14.42
N LYS A 596 0.09 22.29 -13.66
CA LYS A 596 0.03 23.67 -13.15
C LYS A 596 1.14 23.97 -12.16
N ILE A 597 1.35 23.12 -11.15
CA ILE A 597 2.39 23.42 -10.18
C ILE A 597 3.78 23.15 -10.70
N HIS A 598 3.95 22.43 -11.81
CA HIS A 598 5.31 22.37 -12.36
C HIS A 598 5.60 23.57 -13.23
N ARG A 599 4.59 24.07 -13.96
CA ARG A 599 4.82 25.22 -14.81
C ARG A 599 4.93 26.51 -13.99
N ALA A 600 4.41 26.53 -12.77
CA ALA A 600 4.57 27.72 -11.94
C ALA A 600 5.94 27.79 -11.27
N PHE A 601 6.27 26.81 -10.42
CA PHE A 601 7.54 26.80 -9.70
C PHE A 601 8.40 25.63 -10.17
N PRO A 602 9.34 25.84 -11.08
CA PRO A 602 10.16 24.73 -11.57
C PRO A 602 11.23 24.25 -10.62
N GLU A 603 11.49 24.94 -9.51
CA GLU A 603 12.59 24.55 -8.64
C GLU A 603 12.16 24.02 -7.30
N GLN A 604 10.87 24.09 -6.96
CA GLN A 604 10.35 23.46 -5.75
C GLN A 604 8.94 22.96 -6.05
N ALA A 605 8.85 21.67 -6.35
CA ALA A 605 7.56 21.05 -6.62
C ALA A 605 7.66 19.60 -6.19
N LEU A 606 6.59 19.09 -5.58
CA LEU A 606 6.54 17.71 -5.12
C LEU A 606 5.82 16.89 -6.18
N LEU A 607 6.50 15.88 -6.73
CA LEU A 607 5.90 15.09 -7.79
C LEU A 607 6.16 13.61 -7.52
N ARG A 608 5.46 12.74 -8.23
CA ARG A 608 5.72 11.31 -8.17
C ARG A 608 6.40 10.83 -9.43
N ARG A 609 7.10 9.71 -9.30
CA ARG A 609 7.77 9.10 -10.43
C ARG A 609 7.84 7.59 -10.26
N HIS A 610 7.67 6.87 -11.36
CA HIS A 610 7.80 5.42 -11.40
C HIS A 610 8.94 5.10 -12.34
N PRO A 611 10.01 4.47 -11.88
CA PRO A 611 11.08 4.08 -12.78
C PRO A 611 10.65 2.93 -13.68
N PRO A 612 11.29 2.74 -14.83
CA PRO A 612 11.06 1.54 -15.62
C PRO A 612 11.62 0.33 -14.90
N PRO A 613 11.12 -0.88 -15.17
CA PRO A 613 11.55 -2.05 -14.40
C PRO A 613 12.99 -2.42 -14.68
N GLN A 614 13.56 -3.18 -13.74
CA GLN A 614 14.97 -3.52 -13.83
C GLN A 614 15.16 -4.55 -14.94
N THR A 615 16.13 -4.30 -15.83
CA THR A 615 16.29 -5.17 -16.99
C THR A 615 16.92 -6.51 -16.61
N ARG A 616 17.72 -6.54 -15.54
CA ARG A 616 18.44 -7.76 -15.18
C ARG A 616 17.49 -8.86 -14.74
N MET A 617 16.52 -8.53 -13.90
CA MET A 617 15.58 -9.53 -13.40
C MET A 617 14.28 -9.53 -14.20
N LEU A 618 14.16 -8.64 -15.19
CA LEU A 618 13.24 -8.86 -16.29
C LEU A 618 13.75 -9.90 -17.27
N SER A 619 15.08 -10.01 -17.40
CA SER A 619 15.65 -11.01 -18.29
C SER A 619 15.37 -12.44 -17.82
N ASP A 620 15.29 -12.66 -16.51
CA ASP A 620 14.92 -13.98 -16.00
C ASP A 620 13.49 -14.35 -16.37
N LEU A 621 12.56 -13.40 -16.29
CA LEU A 621 11.21 -13.65 -16.76
C LEU A 621 11.17 -13.85 -18.27
N VAL A 622 12.07 -13.18 -19.00
CA VAL A 622 12.19 -13.39 -20.43
C VAL A 622 12.60 -14.82 -20.73
N GLU A 623 13.64 -15.32 -20.04
CA GLU A 623 14.09 -16.68 -20.31
C GLU A 623 13.12 -17.74 -19.81
N PHE A 624 12.29 -17.44 -18.80
CA PHE A 624 11.27 -18.40 -18.43
C PHE A 624 10.11 -18.42 -19.43
N CYS A 625 9.60 -17.25 -19.81
CA CYS A 625 8.42 -17.23 -20.68
C CYS A 625 8.72 -17.39 -22.16
N ASP A 626 9.99 -17.32 -22.59
CA ASP A 626 10.31 -17.66 -23.98
C ASP A 626 10.07 -19.13 -24.25
N GLN A 627 10.22 -19.98 -23.24
CA GLN A 627 9.89 -21.39 -23.40
C GLN A 627 8.36 -21.55 -23.23
N MET A 628 7.91 -22.80 -23.25
CA MET A 628 6.55 -23.22 -22.95
C MET A 628 5.50 -22.67 -23.92
N GLY A 629 5.92 -22.07 -25.03
CA GLY A 629 5.01 -21.53 -26.02
C GLY A 629 4.11 -20.40 -25.55
N LEU A 630 4.68 -19.40 -24.88
CA LEU A 630 3.91 -18.25 -24.41
C LEU A 630 4.43 -16.97 -25.05
N PRO A 631 3.65 -16.32 -25.90
CA PRO A 631 4.10 -15.09 -26.59
C PRO A 631 3.87 -13.79 -25.82
N VAL A 632 4.79 -13.51 -24.90
CA VAL A 632 4.75 -12.28 -24.13
C VAL A 632 6.03 -11.51 -24.46
N ASP A 633 5.99 -10.19 -24.31
CA ASP A 633 7.14 -9.35 -24.59
C ASP A 633 7.21 -8.24 -23.56
N PHE A 634 8.42 -7.90 -23.12
CA PHE A 634 8.60 -6.92 -22.06
C PHE A 634 9.37 -5.70 -22.57
N SER A 635 9.20 -5.36 -23.85
CA SER A 635 9.86 -4.18 -24.40
C SER A 635 9.28 -2.90 -23.82
N SER A 636 7.96 -2.83 -23.69
CA SER A 636 7.29 -1.62 -23.24
C SER A 636 6.03 -2.01 -22.47
N ALA A 637 5.52 -1.05 -21.70
CA ALA A 637 4.34 -1.29 -20.86
C ALA A 637 3.11 -1.65 -21.69
N GLY A 638 2.85 -0.88 -22.75
CA GLY A 638 1.72 -1.19 -23.62
C GLY A 638 1.83 -2.54 -24.31
N ALA A 639 3.05 -2.93 -24.69
CA ALA A 639 3.28 -4.26 -25.24
C ALA A 639 3.00 -5.35 -24.22
N LEU A 640 3.42 -5.15 -22.97
CA LEU A 640 3.14 -6.10 -21.91
C LEU A 640 1.65 -6.23 -21.64
N ASN A 641 0.92 -5.11 -21.65
CA ASN A 641 -0.52 -5.16 -21.41
C ASN A 641 -1.27 -5.85 -22.56
N LYS A 642 -0.93 -5.53 -23.81
CA LYS A 642 -1.62 -6.19 -24.92
C LYS A 642 -1.25 -7.66 -25.02
N SER A 643 -0.02 -8.02 -24.66
CA SER A 643 0.34 -9.44 -24.63
C SER A 643 -0.39 -10.18 -23.54
N LEU A 644 -0.49 -9.59 -22.35
CA LEU A 644 -1.19 -10.25 -21.25
C LEU A 644 -2.69 -10.37 -21.50
N THR A 645 -3.28 -9.45 -22.28
CA THR A 645 -4.73 -9.53 -22.50
C THR A 645 -5.14 -10.33 -23.73
N GLN A 646 -4.43 -10.20 -24.87
CA GLN A 646 -4.91 -10.83 -26.11
C GLN A 646 -4.73 -12.35 -26.15
N THR A 647 -3.65 -12.88 -25.55
CA THR A 647 -3.30 -14.29 -25.69
C THR A 647 -4.38 -15.27 -25.22
N PHE A 648 -5.06 -14.97 -24.11
CA PHE A 648 -6.09 -15.88 -23.62
C PHE A 648 -7.08 -15.14 -22.73
N GLY A 649 -8.34 -15.57 -22.83
CA GLY A 649 -9.42 -15.02 -22.03
C GLY A 649 -10.67 -15.86 -22.20
N ASP A 650 -11.64 -15.60 -21.32
CA ASP A 650 -13.00 -16.19 -21.34
C ASP A 650 -12.99 -17.72 -21.30
N ASP A 651 -12.10 -18.31 -20.51
CA ASP A 651 -12.08 -19.75 -20.30
C ASP A 651 -11.84 -20.02 -18.82
N LYS A 652 -12.36 -21.16 -18.34
CA LYS A 652 -12.29 -21.48 -16.91
C LYS A 652 -10.84 -21.61 -16.42
N TYR A 653 -9.96 -22.20 -17.22
CA TYR A 653 -8.56 -22.31 -16.84
C TYR A 653 -7.77 -21.06 -17.19
N SER A 654 -8.22 -20.33 -18.21
CA SER A 654 -7.47 -19.18 -18.69
C SER A 654 -7.52 -17.99 -17.74
N LEU A 655 -8.60 -17.84 -16.96
CA LEU A 655 -8.63 -16.71 -16.02
C LEU A 655 -7.65 -16.94 -14.87
N ALA A 656 -7.56 -18.17 -14.40
CA ALA A 656 -6.56 -18.51 -13.40
C ALA A 656 -5.15 -18.46 -13.98
N ARG A 657 -5.01 -18.82 -15.26
CA ARG A 657 -3.75 -18.64 -15.98
C ARG A 657 -3.34 -17.17 -16.00
N LYS A 658 -4.31 -16.27 -16.23
CA LYS A 658 -4.06 -14.85 -16.21
C LYS A 658 -3.60 -14.40 -14.83
N GLU A 659 -4.22 -14.95 -13.79
CA GLU A 659 -3.83 -14.60 -12.43
C GLU A 659 -2.40 -15.04 -12.10
N VAL A 660 -2.03 -16.26 -12.47
CA VAL A 660 -0.68 -16.74 -12.17
C VAL A 660 0.36 -15.98 -13.02
N LEU A 661 0.03 -15.63 -14.27
CA LEU A 661 0.98 -14.84 -15.05
C LEU A 661 1.11 -13.42 -14.52
N THR A 662 0.03 -12.84 -14.01
CA THR A 662 0.11 -11.51 -13.41
C THR A 662 0.95 -11.55 -12.14
N ASN A 663 0.78 -12.60 -11.32
CA ASN A 663 1.60 -12.76 -10.12
C ASN A 663 3.07 -12.97 -10.46
N MET A 664 3.37 -13.63 -11.58
CA MET A 664 4.77 -13.75 -11.98
C MET A 664 5.31 -12.44 -12.53
N CYS A 665 4.47 -11.68 -13.25
CA CYS A 665 4.91 -10.45 -13.90
C CYS A 665 5.09 -9.30 -12.93
N SER A 666 4.40 -9.31 -11.80
CA SER A 666 4.44 -8.21 -10.86
C SER A 666 5.69 -8.19 -10.00
N ARG A 667 6.56 -9.18 -10.11
CA ARG A 667 7.76 -9.20 -9.27
C ARG A 667 8.90 -8.26 -9.69
N PRO A 668 9.26 -8.06 -10.98
CA PRO A 668 10.37 -7.16 -11.26
C PRO A 668 10.03 -5.67 -11.24
N MET A 669 8.78 -5.29 -11.01
CA MET A 669 8.44 -3.87 -11.03
C MET A 669 8.96 -3.15 -9.80
N GLN A 670 9.38 -1.90 -9.98
CA GLN A 670 9.84 -1.09 -8.87
C GLN A 670 8.69 -0.36 -8.21
N MET A 671 9.00 0.46 -7.21
CA MET A 671 7.98 1.20 -6.48
C MET A 671 8.11 2.69 -6.77
N ALA A 672 6.97 3.35 -6.81
CA ALA A 672 6.95 4.77 -7.13
C ALA A 672 7.46 5.61 -5.96
N LEU A 673 7.99 6.77 -6.29
CA LEU A 673 8.70 7.61 -5.34
C LEU A 673 8.16 9.03 -5.37
N TYR A 674 8.10 9.66 -4.19
CA TYR A 674 7.95 11.10 -4.11
C TYR A 674 9.31 11.76 -4.26
N PHE A 675 9.34 12.90 -4.94
CA PHE A 675 10.60 13.58 -5.13
C PHE A 675 10.36 15.07 -5.34
N CYS A 676 11.43 15.84 -5.18
CA CYS A 676 11.41 17.27 -5.39
C CYS A 676 12.03 17.60 -6.73
N SER A 677 11.38 18.48 -7.49
CA SER A 677 11.81 18.74 -8.86
C SER A 677 13.07 19.58 -8.94
N GLY A 678 13.53 20.16 -7.85
CA GLY A 678 14.71 21.00 -7.92
C GLY A 678 16.03 20.28 -7.70
N LEU A 679 16.03 18.96 -7.58
CA LEU A 679 17.27 18.22 -7.40
C LEU A 679 17.59 17.25 -8.51
N LEU A 680 16.60 16.71 -9.20
CA LEU A 680 16.90 15.87 -10.37
C LEU A 680 17.13 16.75 -11.59
N GLN A 681 18.17 16.40 -12.34
CA GLN A 681 18.65 17.24 -13.43
C GLN A 681 18.02 16.91 -14.76
N ASP A 682 17.85 15.62 -15.07
CA ASP A 682 17.43 15.40 -16.44
C ASP A 682 15.94 15.14 -16.54
N PRO A 683 15.32 15.57 -17.64
CA PRO A 683 13.86 15.38 -17.79
C PRO A 683 13.42 13.98 -18.14
N ALA A 684 14.34 13.03 -18.27
CA ALA A 684 13.93 11.64 -18.52
C ALA A 684 13.38 10.99 -17.25
N GLN A 685 13.93 11.32 -16.09
CA GLN A 685 13.51 10.68 -14.84
C GLN A 685 12.08 11.02 -14.41
N PHE A 686 11.59 12.22 -14.72
CA PHE A 686 10.28 12.68 -14.23
C PHE A 686 9.10 11.80 -14.65
N ARG A 687 9.14 11.19 -15.82
CA ARG A 687 7.99 10.44 -16.33
C ARG A 687 7.61 9.23 -15.48
N HIS A 688 6.31 9.05 -15.33
CA HIS A 688 5.71 7.93 -14.61
C HIS A 688 5.54 6.78 -15.59
N TYR A 689 6.19 5.65 -15.32
CA TYR A 689 6.30 4.59 -16.32
C TYR A 689 4.98 3.88 -16.53
N ALA A 690 4.31 3.49 -15.45
CA ALA A 690 3.18 2.58 -15.55
C ALA A 690 1.97 3.24 -16.16
N LEU A 691 1.76 4.52 -15.88
CA LEU A 691 0.68 5.26 -16.50
C LEU A 691 1.07 5.86 -17.85
N ASN A 692 2.36 5.86 -18.17
CA ASN A 692 2.91 6.40 -19.43
C ASN A 692 2.53 7.86 -19.66
N VAL A 693 2.84 8.69 -18.67
CA VAL A 693 2.62 10.14 -18.74
C VAL A 693 3.91 10.82 -18.32
N PRO A 694 4.19 12.03 -18.79
CA PRO A 694 5.45 12.67 -18.39
C PRO A 694 5.44 13.33 -17.02
N LEU A 695 4.27 13.62 -16.43
CA LEU A 695 4.20 14.33 -15.16
C LEU A 695 3.04 13.81 -14.33
N TYR A 696 3.26 13.62 -13.04
CA TYR A 696 2.22 13.11 -12.16
C TYR A 696 2.47 13.56 -10.73
N THR A 697 1.39 13.78 -9.99
CA THR A 697 1.44 14.13 -8.58
C THR A 697 0.18 13.65 -7.88
N HIS A 698 0.15 13.81 -6.57
CA HIS A 698 -0.97 13.38 -5.75
C HIS A 698 -1.68 14.60 -5.19
N PHE A 699 -2.92 14.80 -5.59
CA PHE A 699 -3.70 15.95 -5.12
C PHE A 699 -5.08 15.64 -4.56
N THR A 700 -5.61 14.44 -4.73
CA THR A 700 -7.01 14.21 -4.36
C THR A 700 -7.29 13.57 -3.02
N SER A 701 -6.32 13.36 -2.14
CA SER A 701 -6.60 12.79 -0.83
C SER A 701 -5.83 13.48 0.29
N PRO A 702 -6.23 14.69 0.67
CA PRO A 702 -5.51 15.39 1.75
C PRO A 702 -5.63 14.75 3.10
N ILE A 703 -6.79 14.21 3.48
CA ILE A 703 -6.96 13.67 4.82
C ILE A 703 -6.10 12.42 5.03
N ARG A 704 -5.87 11.63 4.00
CA ARG A 704 -5.15 10.38 4.18
C ARG A 704 -3.64 10.51 4.05
N ARG A 705 -3.11 11.50 3.32
CA ARG A 705 -1.67 11.65 3.14
C ARG A 705 -1.25 13.10 3.38
N PHE A 706 0.01 13.31 3.77
CA PHE A 706 0.50 14.67 4.01
C PHE A 706 1.13 15.33 2.80
N ALA A 707 1.62 14.54 1.84
CA ALA A 707 2.11 15.09 0.58
C ALA A 707 1.01 15.81 -0.18
N ASP A 708 -0.23 15.38 0.03
CA ASP A 708 -1.38 16.03 -0.56
C ASP A 708 -1.55 17.43 0.00
N VAL A 709 -1.30 17.62 1.29
CA VAL A 709 -1.38 18.94 1.90
C VAL A 709 -0.27 19.84 1.37
N LEU A 710 0.93 19.29 1.18
CA LEU A 710 2.01 20.08 0.55
C LEU A 710 1.65 20.53 -0.86
N VAL A 711 1.08 19.63 -1.67
CA VAL A 711 0.67 19.99 -3.02
C VAL A 711 -0.44 21.04 -2.97
N HIS A 712 -1.32 20.95 -1.98
CA HIS A 712 -2.41 21.93 -1.83
C HIS A 712 -1.84 23.32 -1.59
N ARG A 713 -0.84 23.42 -0.71
CA ARG A 713 -0.23 24.72 -0.44
C ARG A 713 0.47 25.26 -1.67
N LEU A 714 1.22 24.39 -2.37
CA LEU A 714 1.95 24.83 -3.56
C LEU A 714 1.01 25.35 -4.63
N LEU A 715 -0.12 24.66 -4.85
CA LEU A 715 -1.10 25.12 -5.84
C LEU A 715 -1.72 26.43 -5.42
N ALA A 716 -2.00 26.59 -4.12
CA ALA A 716 -2.57 27.85 -3.63
C ALA A 716 -1.61 29.00 -3.84
N ALA A 717 -0.32 28.77 -3.57
CA ALA A 717 0.69 29.79 -3.84
C ALA A 717 0.79 30.10 -5.33
N ALA A 718 0.60 29.09 -6.18
CA ALA A 718 0.69 29.32 -7.62
C ALA A 718 -0.46 30.14 -8.15
N LEU A 719 -1.65 30.00 -7.57
CA LEU A 719 -2.75 30.80 -8.09
C LEU A 719 -2.80 32.20 -7.50
N GLY A 720 -1.92 32.53 -6.57
CA GLY A 720 -1.91 33.85 -5.98
C GLY A 720 -2.79 34.05 -4.76
N TYR A 721 -3.26 32.97 -4.13
CA TYR A 721 -4.02 33.10 -2.90
C TYR A 721 -3.16 33.39 -1.69
N ARG A 722 -1.85 33.20 -1.77
CA ARG A 722 -0.98 33.41 -0.64
C ARG A 722 0.43 33.69 -1.17
N GLU A 723 1.37 33.88 -0.26
CA GLU A 723 2.72 34.18 -0.69
C GLU A 723 3.46 32.89 -1.02
N ARG A 724 4.60 33.04 -1.68
CA ARG A 724 5.42 31.92 -2.10
C ARG A 724 5.92 31.14 -0.89
N LEU A 725 6.05 29.82 -1.04
CA LEU A 725 6.57 28.97 0.02
C LEU A 725 7.98 29.41 0.42
N ASP A 726 8.22 29.45 1.72
CA ASP A 726 9.51 29.83 2.28
C ASP A 726 10.33 28.62 2.68
N MET A 727 10.16 27.52 1.94
CA MET A 727 10.81 26.26 2.22
C MET A 727 11.89 26.01 1.18
N ALA A 728 13.06 25.56 1.66
CA ALA A 728 14.18 25.29 0.77
C ALA A 728 13.94 24.02 -0.03
N PRO A 729 14.59 23.87 -1.18
CA PRO A 729 14.47 22.62 -1.95
C PRO A 729 15.16 21.40 -1.36
N ASP A 730 16.04 21.52 -0.37
CA ASP A 730 16.59 20.30 0.21
C ASP A 730 15.74 19.77 1.36
N THR A 731 15.08 20.66 2.10
CA THR A 731 14.15 20.25 3.13
C THR A 731 12.95 19.52 2.53
N LEU A 732 12.52 19.95 1.35
CA LEU A 732 11.47 19.22 0.64
C LEU A 732 11.93 17.82 0.28
N GLN A 733 13.19 17.64 -0.08
CA GLN A 733 13.70 16.30 -0.35
C GLN A 733 13.74 15.46 0.92
N LYS A 734 14.09 16.06 2.05
CA LYS A 734 14.08 15.30 3.32
C LYS A 734 12.66 14.91 3.70
N GLN A 735 11.71 15.80 3.47
CA GLN A 735 10.31 15.51 3.75
C GLN A 735 9.76 14.44 2.81
N ALA A 736 10.17 14.46 1.55
CA ALA A 736 9.76 13.42 0.61
C ALA A 736 10.34 12.06 0.97
N ASP A 737 11.59 12.01 1.45
CA ASP A 737 12.14 10.74 1.88
C ASP A 737 11.42 10.19 3.10
N HIS A 738 11.00 11.08 4.01
CA HIS A 738 10.25 10.62 5.17
C HIS A 738 8.89 10.08 4.75
N CYS A 739 8.20 10.75 3.82
CA CYS A 739 6.91 10.26 3.34
C CYS A 739 7.03 8.94 2.60
N ASN A 740 8.15 8.74 1.88
CA ASN A 740 8.38 7.48 1.18
C ASN A 740 8.52 6.32 2.15
N ASP A 741 9.36 6.49 3.18
CA ASP A 741 9.55 5.40 4.13
C ASP A 741 8.28 5.10 4.93
N ARG A 742 7.49 6.13 5.23
CA ARG A 742 6.23 5.90 5.91
C ARG A 742 5.21 5.17 5.05
N ARG A 743 5.15 5.47 3.76
CA ARG A 743 4.22 4.75 2.90
C ARG A 743 4.61 3.27 2.82
N MET A 744 5.90 3.00 2.71
CA MET A 744 6.37 1.61 2.68
C MET A 744 5.96 0.84 3.94
N ALA A 745 6.13 1.46 5.11
CA ALA A 745 5.73 0.80 6.35
C ALA A 745 4.23 0.60 6.43
N SER A 746 3.44 1.54 5.92
CA SER A 746 1.99 1.39 5.91
C SER A 746 1.54 0.20 5.07
N LYS A 747 2.13 0.01 3.88
CA LYS A 747 1.74 -1.12 3.05
C LYS A 747 2.09 -2.45 3.70
N ARG A 748 3.26 -2.52 4.34
CA ARG A 748 3.64 -3.75 5.03
C ARG A 748 2.71 -4.07 6.19
N VAL A 749 2.26 -3.05 6.92
CA VAL A 749 1.34 -3.27 8.05
C VAL A 749 -0.02 -3.76 7.58
N GLN A 750 -0.56 -3.23 6.47
CA GLN A 750 -1.84 -3.78 5.99
C GLN A 750 -1.71 -5.22 5.52
N GLU A 751 -0.58 -5.58 4.91
CA GLU A 751 -0.39 -6.98 4.50
C GLU A 751 -0.36 -7.92 5.70
N LEU A 752 0.35 -7.55 6.77
CA LEU A 752 0.41 -8.45 7.91
C LEU A 752 -0.92 -8.53 8.66
N SER A 753 -1.70 -7.46 8.68
CA SER A 753 -3.02 -7.55 9.31
C SER A 753 -3.97 -8.47 8.55
N THR A 754 -3.98 -8.39 7.22
CA THR A 754 -4.81 -9.31 6.43
C THR A 754 -4.38 -10.77 6.62
N SER A 755 -3.07 -11.02 6.67
CA SER A 755 -2.59 -12.38 6.92
C SER A 755 -3.02 -12.91 8.29
N LEU A 756 -2.96 -12.06 9.32
CA LEU A 756 -3.39 -12.47 10.66
C LEU A 756 -4.86 -12.87 10.69
N PHE A 757 -5.71 -12.05 10.07
CA PHE A 757 -7.13 -12.36 10.13
C PHE A 757 -7.47 -13.60 9.30
N PHE A 758 -6.73 -13.86 8.23
CA PHE A 758 -6.96 -15.10 7.47
C PHE A 758 -6.55 -16.32 8.26
N ALA A 759 -5.43 -16.25 9.01
CA ALA A 759 -5.02 -17.40 9.82
C ALA A 759 -6.03 -17.70 10.92
N VAL A 760 -6.57 -16.66 11.54
CA VAL A 760 -7.62 -16.85 12.55
C VAL A 760 -8.87 -17.46 11.94
N LEU A 761 -9.23 -17.04 10.71
CA LEU A 761 -10.39 -17.61 10.04
C LEU A 761 -10.22 -19.08 9.73
N VAL A 762 -9.03 -19.48 9.28
CA VAL A 762 -8.75 -20.89 9.02
C VAL A 762 -8.82 -21.71 10.29
N LYS A 763 -8.29 -21.18 11.40
CA LYS A 763 -8.34 -21.93 12.65
C LYS A 763 -9.75 -22.06 13.20
N GLU A 764 -10.58 -21.01 13.05
CA GLU A 764 -11.93 -21.04 13.60
C GLU A 764 -13.01 -21.41 12.60
N SER A 765 -12.65 -21.90 11.41
CA SER A 765 -13.69 -22.32 10.47
C SER A 765 -13.39 -23.69 9.87
N GLY A 766 -12.51 -24.47 10.48
CA GLY A 766 -12.24 -25.81 10.05
C GLY A 766 -11.42 -25.89 8.78
N PRO A 767 -11.39 -27.08 8.16
CA PRO A 767 -10.69 -27.23 6.88
C PRO A 767 -11.42 -26.53 5.74
N LEU A 768 -10.64 -25.94 4.84
CA LEU A 768 -11.19 -25.21 3.70
C LEU A 768 -10.74 -25.87 2.40
N GLU A 769 -11.70 -26.18 1.52
CA GLU A 769 -11.45 -26.92 0.29
C GLU A 769 -11.42 -25.98 -0.90
N SER A 770 -10.38 -26.08 -1.73
CA SER A 770 -10.30 -25.24 -2.92
C SER A 770 -9.45 -25.91 -4.00
N GLU A 771 -9.34 -25.25 -5.15
CA GLU A 771 -8.45 -25.68 -6.22
C GLU A 771 -7.25 -24.75 -6.34
N ALA A 772 -6.21 -25.24 -7.02
CA ALA A 772 -4.96 -24.51 -7.06
C ALA A 772 -4.19 -24.80 -8.34
N MET A 773 -3.26 -23.91 -8.66
CA MET A 773 -2.37 -24.06 -9.81
C MET A 773 -0.93 -23.97 -9.33
N VAL A 774 -0.11 -24.90 -9.81
CA VAL A 774 1.28 -24.98 -9.39
C VAL A 774 2.07 -23.87 -10.05
N MET A 775 2.79 -23.08 -9.24
CA MET A 775 3.56 -21.98 -9.79
C MET A 775 5.06 -22.26 -9.85
N GLY A 776 5.54 -23.27 -9.13
CA GLY A 776 6.94 -23.63 -9.18
C GLY A 776 7.10 -25.04 -8.68
N ILE A 777 8.22 -25.66 -9.03
CA ILE A 777 8.50 -27.02 -8.59
C ILE A 777 9.93 -27.05 -8.07
N LEU A 778 10.17 -27.93 -7.10
CA LEU A 778 11.46 -28.15 -6.45
C LEU A 778 11.59 -29.65 -6.24
N LYS A 779 12.77 -30.08 -5.77
CA LYS A 779 13.05 -31.50 -5.58
C LYS A 779 12.10 -32.17 -4.58
N GLN A 780 11.76 -31.48 -3.47
CA GLN A 780 10.87 -32.06 -2.47
C GLN A 780 9.68 -31.18 -2.11
N ALA A 781 9.40 -30.13 -2.87
CA ALA A 781 8.29 -29.24 -2.55
C ALA A 781 7.81 -28.56 -3.81
N PHE A 782 6.60 -28.00 -3.74
CA PHE A 782 6.08 -27.20 -4.82
C PHE A 782 5.11 -26.17 -4.29
N ASP A 783 5.02 -25.04 -4.99
CA ASP A 783 4.23 -23.89 -4.59
C ASP A 783 2.89 -23.91 -5.33
N VAL A 784 1.81 -23.71 -4.59
CA VAL A 784 0.49 -23.61 -5.19
C VAL A 784 -0.07 -22.22 -4.92
N LEU A 785 -1.11 -21.86 -5.67
CA LEU A 785 -1.86 -20.63 -5.44
C LEU A 785 -3.33 -20.98 -5.33
N VAL A 786 -3.90 -20.77 -4.15
CA VAL A 786 -5.28 -21.14 -3.87
C VAL A 786 -6.21 -20.16 -4.58
N LEU A 787 -7.10 -20.68 -5.43
CA LEU A 787 -7.85 -19.80 -6.32
C LEU A 787 -8.93 -19.01 -5.60
N ARG A 788 -9.61 -19.62 -4.64
CA ARG A 788 -10.67 -18.89 -3.93
C ARG A 788 -10.11 -17.80 -3.03
N TYR A 789 -8.96 -18.02 -2.41
CA TYR A 789 -8.41 -17.05 -1.48
C TYR A 789 -7.21 -16.26 -1.99
N GLY A 790 -6.46 -16.77 -2.94
CA GLY A 790 -5.36 -15.97 -3.43
C GLY A 790 -4.09 -15.99 -2.61
N VAL A 791 -3.99 -16.84 -1.61
CA VAL A 791 -2.76 -16.90 -0.82
C VAL A 791 -1.80 -17.87 -1.49
N GLN A 792 -0.53 -17.79 -1.11
CA GLN A 792 0.53 -18.61 -1.69
C GLN A 792 1.14 -19.47 -0.59
N LYS A 793 0.68 -20.70 -0.44
CA LYS A 793 1.29 -21.62 0.50
C LYS A 793 2.26 -22.53 -0.22
N ARG A 794 3.01 -23.30 0.56
CA ARG A 794 3.98 -24.24 0.04
C ARG A 794 3.59 -25.64 0.49
N ILE A 795 3.77 -26.61 -0.39
CA ILE A 795 3.37 -27.99 -0.11
C ILE A 795 4.61 -28.85 -0.23
N TYR A 796 4.90 -29.62 0.80
CA TYR A 796 6.05 -30.50 0.83
C TYR A 796 5.59 -31.93 0.65
N CYS A 797 6.44 -32.74 0.04
CA CYS A 797 6.14 -34.15 -0.15
C CYS A 797 6.28 -34.97 1.13
N ASN A 798 6.88 -34.40 2.18
CA ASN A 798 7.01 -35.11 3.44
C ASN A 798 5.67 -35.26 4.16
N ALA A 799 4.76 -34.31 3.95
CA ALA A 799 3.44 -34.31 4.57
C ALA A 799 2.40 -35.10 3.80
N LEU A 800 2.73 -35.62 2.63
CA LEU A 800 1.77 -36.36 1.83
C LEU A 800 1.76 -37.83 2.17
N ALA A 801 0.62 -38.48 1.91
CA ALA A 801 0.48 -39.92 2.08
C ALA A 801 0.65 -40.57 0.70
N LEU A 802 1.91 -40.64 0.27
CA LEU A 802 2.32 -41.18 -1.01
C LEU A 802 3.24 -42.38 -0.83
N ARG A 803 3.22 -43.29 -1.81
CA ARG A 803 4.24 -44.34 -1.84
C ARG A 803 5.60 -43.82 -2.27
N SER A 804 5.64 -43.02 -3.34
CA SER A 804 6.93 -42.56 -3.84
C SER A 804 6.76 -41.28 -4.64
N HIS A 805 7.90 -40.65 -4.96
CA HIS A 805 7.90 -39.46 -5.79
C HIS A 805 9.20 -39.40 -6.57
N HIS A 806 9.12 -38.98 -7.82
CA HIS A 806 10.29 -38.83 -8.66
C HIS A 806 10.28 -37.48 -9.36
N PHE A 807 11.47 -36.88 -9.46
CA PHE A 807 11.65 -35.57 -10.06
C PHE A 807 12.37 -35.71 -11.39
N GLN A 808 11.85 -35.03 -12.41
CA GLN A 808 12.43 -35.05 -13.73
C GLN A 808 12.53 -33.62 -14.24
N LYS A 809 13.45 -33.42 -15.16
CA LYS A 809 13.54 -32.15 -15.86
C LYS A 809 14.03 -32.46 -17.26
N VAL A 810 13.34 -31.92 -18.26
CA VAL A 810 13.68 -32.08 -19.67
C VAL A 810 13.51 -30.74 -20.34
N GLY A 811 14.56 -30.27 -21.02
CA GLY A 811 14.52 -28.96 -21.66
C GLY A 811 14.35 -27.82 -20.69
N LYS A 812 14.90 -27.96 -19.47
CA LYS A 812 14.72 -27.03 -18.35
C LYS A 812 13.23 -26.84 -18.00
N LYS A 813 12.45 -27.92 -18.04
CA LYS A 813 11.05 -27.90 -17.65
C LYS A 813 10.86 -28.91 -16.53
N PRO A 814 10.51 -28.51 -15.32
CA PRO A 814 10.39 -29.47 -14.24
C PRO A 814 9.14 -30.32 -14.36
N GLU A 815 9.18 -31.47 -13.68
CA GLU A 815 8.10 -32.46 -13.75
C GLU A 815 8.17 -33.28 -12.47
N LEU A 816 7.03 -33.46 -11.81
CA LEU A 816 7.00 -34.25 -10.59
C LEU A 816 5.98 -35.36 -10.74
N THR A 817 6.42 -36.59 -10.52
CA THR A 817 5.57 -37.77 -10.60
C THR A 817 5.35 -38.33 -9.20
N LEU A 818 4.08 -38.46 -8.82
CA LEU A 818 3.68 -38.93 -7.50
C LEU A 818 3.00 -40.28 -7.63
N VAL A 819 3.47 -41.27 -6.87
CA VAL A 819 2.84 -42.58 -6.79
C VAL A 819 2.17 -42.67 -5.43
N TRP A 820 0.85 -42.55 -5.42
CA TRP A 820 0.03 -42.52 -4.22
C TRP A 820 -0.31 -43.90 -3.70
N GLU A 828 -3.45 -52.13 -7.45
CA GLU A 828 -2.46 -51.28 -8.08
C GLU A 828 -2.74 -49.80 -7.81
N PRO A 829 -1.79 -49.12 -7.16
CA PRO A 829 -1.99 -47.70 -6.86
C PRO A 829 -1.83 -46.84 -8.10
N ALA A 830 -2.44 -45.66 -8.05
CA ALA A 830 -2.43 -44.77 -9.20
C ALA A 830 -1.22 -43.85 -9.20
N GLN A 831 -1.02 -43.17 -10.33
CA GLN A 831 0.09 -42.23 -10.50
C GLN A 831 -0.45 -40.88 -10.98
N GLN A 832 0.25 -39.82 -10.59
CA GLN A 832 -0.13 -38.46 -10.97
C GLN A 832 1.08 -37.67 -11.44
N VAL A 833 0.90 -36.93 -12.54
CA VAL A 833 1.95 -36.11 -13.14
C VAL A 833 1.59 -34.65 -12.97
N ILE A 834 2.47 -33.88 -12.33
CA ILE A 834 2.23 -32.47 -12.07
C ILE A 834 3.39 -31.64 -12.63
N THR A 835 3.05 -30.66 -13.46
CA THR A 835 3.97 -29.70 -14.03
C THR A 835 3.38 -28.31 -13.83
N ILE A 836 4.05 -27.30 -14.38
CA ILE A 836 3.63 -25.92 -14.17
C ILE A 836 2.30 -25.69 -14.87
N PHE A 837 1.44 -24.90 -14.24
CA PHE A 837 0.05 -24.65 -14.63
C PHE A 837 -0.77 -25.94 -14.70
N SER A 838 -0.79 -26.66 -13.58
CA SER A 838 -1.63 -27.84 -13.40
C SER A 838 -2.62 -27.60 -12.28
N LEU A 839 -3.87 -28.04 -12.49
CA LEU A 839 -4.95 -27.83 -11.54
C LEU A 839 -5.01 -28.99 -10.55
N VAL A 840 -4.86 -28.68 -9.27
CA VAL A 840 -4.96 -29.67 -8.20
C VAL A 840 -6.03 -29.22 -7.22
N GLU A 841 -6.36 -30.10 -6.28
CA GLU A 841 -7.33 -29.82 -5.24
C GLU A 841 -6.62 -29.87 -3.90
N VAL A 842 -6.84 -28.86 -3.06
CA VAL A 842 -6.11 -28.72 -1.82
C VAL A 842 -7.09 -28.46 -0.68
N VAL A 843 -6.65 -28.79 0.54
CA VAL A 843 -7.39 -28.49 1.75
C VAL A 843 -6.48 -27.79 2.75
N LEU A 844 -7.01 -26.78 3.41
CA LEU A 844 -6.30 -26.01 4.42
C LEU A 844 -6.78 -26.46 5.78
N GLN A 845 -5.82 -26.81 6.64
CA GLN A 845 -6.11 -27.32 7.97
C GLN A 845 -5.23 -26.62 8.98
N ALA A 846 -5.83 -26.17 10.07
CA ALA A 846 -5.08 -25.54 11.13
C ALA A 846 -4.29 -26.58 11.92
N GLU A 847 -3.24 -26.13 12.57
CA GLU A 847 -2.40 -27.00 13.38
C GLU A 847 -2.43 -26.52 14.83
N SER A 848 -1.65 -27.18 15.69
CA SER A 848 -1.70 -26.86 17.11
C SER A 848 -1.06 -25.53 17.44
N THR A 849 -0.19 -25.02 16.59
CA THR A 849 0.38 -23.69 16.78
C THR A 849 -0.73 -22.66 16.54
N ALA A 850 -0.62 -21.52 17.23
CA ALA A 850 -1.71 -20.55 17.28
C ALA A 850 -1.97 -19.88 15.93
N LEU A 851 -0.93 -19.56 15.18
CA LEU A 851 -1.10 -18.77 13.98
C LEU A 851 -0.59 -19.47 12.73
N LYS A 852 -0.65 -20.79 12.69
CA LYS A 852 -0.16 -21.54 11.55
C LYS A 852 -1.24 -22.47 11.01
N TYR A 853 -1.17 -22.72 9.71
CA TYR A 853 -1.99 -23.74 9.08
C TYR A 853 -1.13 -24.45 8.04
N SER A 854 -1.70 -25.47 7.42
CA SER A 854 -0.98 -26.22 6.40
C SER A 854 -1.91 -26.55 5.25
N ALA A 855 -1.32 -26.74 4.08
CA ALA A 855 -2.05 -27.13 2.88
C ALA A 855 -1.68 -28.57 2.55
N ILE A 856 -2.70 -29.39 2.31
CA ILE A 856 -2.51 -30.81 2.05
C ILE A 856 -3.30 -31.16 0.80
N LEU A 857 -2.72 -31.97 -0.07
CA LEU A 857 -3.41 -32.37 -1.28
C LEU A 857 -4.57 -33.29 -0.95
N LYS A 858 -5.63 -33.20 -1.73
CA LYS A 858 -6.78 -34.04 -1.51
C LYS A 858 -7.01 -34.94 -2.72
#